data_7X3C
#
_entry.id   7X3C
#
_cell.length_a   1.00
_cell.length_b   1.00
_cell.length_c   1.00
_cell.angle_alpha   90.00
_cell.angle_beta   90.00
_cell.angle_gamma   90.00
#
_symmetry.space_group_name_H-M   'P 1'
#
loop_
_entity.id
_entity.type
_entity.pdbx_description
1 polymer '8A10 light chain'
2 polymer '8A10 heavy chain'
3 polymer 'Virion protein 1'
4 polymer VP2
5 polymer VP3
6 polymer 'Capsid protein VP4'
7 polymer '5F5 light chain'
8 polymer '5F5 heavy chain'
9 non-polymer 'PALMITIC ACID'
#
loop_
_entity_poly.entity_id
_entity_poly.type
_entity_poly.pdbx_seq_one_letter_code
_entity_poly.pdbx_strand_id
1 'polypeptide(L)'
;DIQMTQTKSSLSASLGDRVTISCRASQDISNYLNWYQQKPDGSVKLLIYYTSTLHSGVPSRFSGSGSGTDYSLTINSLEQ
EDIATYFCQQGNTFPFTFGGGTKLEIRR
;
L
2 'polypeptide(L)'
;QVQLQQSAAELARPGASVKMSCKASGYTFTTYTMHWVKQRPGQGLEWIGYINPSSRYTEYNQKFKDKTTLTADKSSSTAY
MQLSSLTFEDSAVYYCARRSEADRFVYWGQGTLVTVSA
;
H
3 'polypeptide(L)'
;GPVEESVDRAVARVADTISSRPTNSESIPALTAAETGHTSQVVPSDTMQTRHVKNYHSRSESSIENFLCRSACVYYATYT
NNSKKGFAEWVINTRQVAQLRRKLELFTYLRFDLELTFVITSAQQPSTASSVDAPVQTHQIMYVPPGGPVPTKVKDYAWQ
TSTNPSVFWTEGNAPPRMSIPFISIGNAYSCFYDGWTQFSRNGVYGINTLNNMGTLYMRHVNEAGQGPIKSTVRIYFKPK
HVKAWVPRPPRLCQYEKQKNVNFSPIGVTTSRTDIITT
;
A
4 'polypeptide(L)'
;SPSAEECGYSDRVRSITLGNSTITTQECANVVVGYGVWPEYLKDNEATAEDQPTQPDVATCRFYTLESVQWMKNSAGWWW
KLPDALSQMGLFGQNMQYHYLGRTGYTIHVQCNASKFHQGCLLVVCVPEAEMGCSNLNNTPEFSELSGGDSARMFTDTQV
GESNAKKVQTAVWNAGMGVGVGNLTIFPHQWINLRTNNSATLVMPYINSVPMDNMFRHNNLTLMIIPFVPLNYSEGSSPY
VPITVTIAPMCAEYNGLRLASNQ
;
B
5 'polypeptide(L)'
;GLPVMTTPGSTQFLTSDDFQSPSAMPQFDVTPEMQIPGRVNNLMEIAEVDSVVPVNNTEDNVSSLKAYQIPVQSNSDNGK
QVFGFPLQPGANNVLNRTLLGEILNYYTHWSGSIKLTFMFCGSAMATGKFLLAYSPPGAGVPKNRKDAMLGTHVIWDVGL
QSSCVLCVPWISQTHYRYVVEDEYTAAGYVTCWYQTNIVVPADVQSSCDILCFVSACNDFSVRMLKDTPFIRQDTFYQ
;
C
6 'polypeptide(L)' MGAQVSTQKTGAHETGLNASGNSVIHYTNINYYKDAASNSANRQDFTQDPGKFTEPVKDIMVKTMPALN D
7 'polypeptide(L)'
;QIVLSQSPAILSASPGEKVTMTCRASSSVSYLHWYQQKPGSSPKPWISATSNLASGVPARFSGSGSGTSYSLTISRVEAE
DAATYYCQQWSSNPLSFGGGTKLELK
;
E
8 'polypeptide(L)'
;EIQLQQSGPELVKPGASVKVSCKASGYSFTDYNIYWVKQSHGKSLEWIGYVDPYNGNTNYNQKFKGKATLTVDKSSSTAF
MHLNSLTSEVSTVYYCARGGGYYGGGYYGMDYWGQGTSVTVSS
;
F
#
# COMPACT_ATOMS: atom_id res chain seq x y z
N ASP A 1 11.65 -14.73 -20.73
CA ASP A 1 10.54 -15.64 -20.45
C ASP A 1 11.05 -16.97 -19.95
N ILE A 2 10.23 -17.67 -19.17
CA ILE A 2 10.52 -19.01 -18.71
C ILE A 2 9.68 -19.97 -19.54
N GLN A 3 10.35 -20.76 -20.37
CA GLN A 3 9.65 -21.67 -21.26
C GLN A 3 9.25 -22.94 -20.53
N MET A 4 7.96 -23.20 -20.47
CA MET A 4 7.42 -24.44 -19.91
C MET A 4 7.22 -25.41 -21.07
N THR A 5 7.71 -26.63 -20.92
CA THR A 5 7.63 -27.63 -21.98
C THR A 5 7.08 -28.94 -21.44
N GLN A 6 6.11 -29.50 -22.16
CA GLN A 6 5.57 -30.83 -21.91
C GLN A 6 5.82 -31.67 -23.15
N THR A 7 6.78 -32.58 -23.07
CA THR A 7 7.30 -33.27 -24.24
C THR A 7 6.37 -34.36 -24.79
N LYS A 8 5.23 -34.60 -24.16
CA LYS A 8 4.38 -35.70 -24.61
C LYS A 8 3.48 -35.26 -25.76
N SER A 9 2.58 -34.29 -25.50
CA SER A 9 1.54 -33.72 -26.36
C SER A 9 0.42 -34.68 -26.72
N SER A 10 0.54 -35.96 -26.31
CA SER A 10 -0.50 -36.96 -26.48
C SER A 10 -0.17 -38.15 -25.58
N LEU A 11 -1.17 -38.64 -24.87
CA LEU A 11 -1.02 -39.76 -23.96
C LEU A 11 -2.24 -40.65 -24.05
N SER A 12 -2.02 -41.95 -23.92
CA SER A 12 -3.11 -42.92 -24.07
C SER A 12 -3.04 -43.93 -22.95
N ALA A 13 -4.19 -44.23 -22.34
CA ALA A 13 -4.29 -45.26 -21.33
C ALA A 13 -5.74 -45.71 -21.23
N SER A 14 -5.93 -46.88 -20.65
CA SER A 14 -7.26 -47.45 -20.46
C SER A 14 -7.94 -46.81 -19.26
N LEU A 15 -9.25 -47.04 -19.15
CA LEU A 15 -9.99 -46.55 -18.00
C LEU A 15 -9.62 -47.32 -16.75
N GLY A 16 -9.59 -46.62 -15.62
CA GLY A 16 -9.20 -47.24 -14.37
C GLY A 16 -7.71 -47.36 -14.15
N ASP A 17 -6.90 -46.79 -15.03
CA ASP A 17 -5.45 -46.83 -14.92
C ASP A 17 -4.92 -45.50 -14.41
N ARG A 18 -3.64 -45.51 -14.05
CA ARG A 18 -2.97 -44.34 -13.50
C ARG A 18 -2.15 -43.67 -14.59
N VAL A 19 -2.44 -42.40 -14.87
CA VAL A 19 -1.68 -41.63 -15.85
C VAL A 19 -0.82 -40.60 -15.11
N THR A 20 0.22 -40.13 -15.80
CA THR A 20 1.13 -39.15 -15.24
C THR A 20 1.56 -38.19 -16.33
N ILE A 21 1.25 -36.91 -16.15
CA ILE A 21 1.68 -35.84 -17.05
C ILE A 21 2.80 -35.07 -16.36
N SER A 22 3.86 -34.77 -17.11
CA SER A 22 5.02 -34.08 -16.54
C SER A 22 5.30 -32.81 -17.32
N CYS A 23 5.63 -31.75 -16.58
CA CYS A 23 5.93 -30.44 -17.14
C CYS A 23 7.28 -29.99 -16.59
N ARG A 24 8.13 -29.45 -17.47
CA ARG A 24 9.49 -29.07 -17.10
C ARG A 24 9.70 -27.60 -17.43
N ALA A 25 10.37 -26.89 -16.53
CA ALA A 25 10.57 -25.46 -16.66
C ALA A 25 11.94 -25.14 -17.26
N SER A 26 12.15 -23.86 -17.54
CA SER A 26 13.44 -23.42 -18.08
C SER A 26 14.46 -23.21 -16.97
N GLN A 27 14.14 -22.36 -15.99
CA GLN A 27 14.92 -22.28 -14.77
C GLN A 27 13.99 -22.54 -13.58
N ASP A 28 14.52 -22.30 -12.38
CA ASP A 28 13.83 -22.64 -11.13
C ASP A 28 12.64 -21.72 -10.93
N ILE A 29 11.43 -22.30 -10.84
CA ILE A 29 10.22 -21.53 -10.63
C ILE A 29 9.71 -21.61 -9.20
N SER A 30 10.33 -22.45 -8.35
CA SER A 30 10.18 -22.42 -6.90
C SER A 30 8.75 -22.72 -6.44
N ASN A 31 8.21 -23.85 -6.93
CA ASN A 31 6.91 -24.41 -6.56
C ASN A 31 5.72 -23.51 -6.89
N TYR A 32 5.90 -22.53 -7.78
CA TYR A 32 4.79 -21.68 -8.22
C TYR A 32 4.31 -22.19 -9.58
N LEU A 33 3.63 -23.32 -9.55
CA LEU A 33 3.09 -23.96 -10.74
C LEU A 33 1.59 -24.13 -10.55
N ASN A 34 0.83 -24.02 -11.64
CA ASN A 34 -0.60 -24.28 -11.62
C ASN A 34 -0.94 -25.25 -12.74
N TRP A 35 -2.02 -26.01 -12.56
CA TRP A 35 -2.51 -26.96 -13.55
C TRP A 35 -3.93 -26.61 -13.93
N TYR A 36 -4.21 -26.59 -15.23
CA TYR A 36 -5.54 -26.29 -15.75
C TYR A 36 -6.01 -27.45 -16.62
N GLN A 37 -7.33 -27.52 -16.80
CA GLN A 37 -7.93 -28.60 -17.58
C GLN A 37 -8.90 -28.00 -18.59
N GLN A 38 -8.65 -28.25 -19.87
CA GLN A 38 -9.50 -27.73 -20.94
C GLN A 38 -10.32 -28.88 -21.51
N LYS A 39 -11.63 -28.82 -21.31
CA LYS A 39 -12.55 -29.83 -21.80
C LYS A 39 -12.68 -29.73 -23.32
N PRO A 40 -13.15 -30.80 -23.99
CA PRO A 40 -13.30 -30.74 -25.46
C PRO A 40 -14.34 -29.75 -25.98
N ASP A 41 -15.18 -29.18 -25.13
CA ASP A 41 -16.08 -28.12 -25.57
C ASP A 41 -15.51 -26.73 -25.39
N GLY A 42 -14.31 -26.61 -24.84
CA GLY A 42 -13.60 -25.34 -24.76
C GLY A 42 -13.48 -24.74 -23.38
N SER A 43 -14.12 -25.29 -22.36
CA SER A 43 -14.11 -24.68 -21.03
C SER A 43 -12.86 -25.06 -20.26
N VAL A 44 -12.27 -24.07 -19.59
CA VAL A 44 -11.04 -24.23 -18.82
C VAL A 44 -11.38 -24.07 -17.35
N LYS A 45 -10.77 -24.90 -16.50
CA LYS A 45 -10.92 -24.78 -15.06
C LYS A 45 -9.62 -25.12 -14.37
N LEU A 46 -9.42 -24.55 -13.19
CA LEU A 46 -8.20 -24.72 -12.43
C LEU A 46 -8.29 -25.97 -11.56
N LEU A 47 -7.27 -26.82 -11.62
CA LEU A 47 -7.25 -28.06 -10.85
C LEU A 47 -6.41 -27.94 -9.59
N ILE A 48 -5.11 -27.63 -9.74
CA ILE A 48 -4.15 -27.63 -8.65
C ILE A 48 -3.41 -26.31 -8.68
N TYR A 49 -3.57 -25.50 -7.64
CA TYR A 49 -3.12 -24.12 -7.68
C TYR A 49 -1.77 -23.90 -7.01
N TYR A 50 -1.04 -24.96 -6.74
CA TYR A 50 0.31 -24.89 -6.24
C TYR A 50 0.99 -26.12 -6.83
N THR A 51 2.09 -26.56 -6.25
CA THR A 51 2.62 -27.85 -6.67
C THR A 51 1.62 -28.97 -6.38
N SER A 52 0.97 -28.94 -5.22
CA SER A 52 0.16 -30.07 -4.80
C SER A 52 -1.17 -29.74 -4.14
N THR A 53 -1.65 -28.51 -4.19
CA THR A 53 -2.87 -28.15 -3.46
C THR A 53 -4.06 -28.12 -4.41
N LEU A 54 -5.06 -28.96 -4.13
CA LEU A 54 -6.23 -29.07 -5.00
C LEU A 54 -7.20 -27.93 -4.80
N HIS A 55 -7.74 -27.43 -5.91
CA HIS A 55 -8.83 -26.47 -5.87
C HIS A 55 -10.11 -27.16 -5.40
N SER A 56 -11.02 -26.36 -4.85
CA SER A 56 -12.27 -26.90 -4.33
C SER A 56 -13.19 -27.33 -5.47
N GLY A 57 -13.84 -28.46 -5.27
CA GLY A 57 -14.69 -29.04 -6.31
C GLY A 57 -13.99 -30.01 -7.23
N VAL A 58 -12.70 -30.21 -7.06
CA VAL A 58 -11.91 -31.12 -7.89
C VAL A 58 -11.94 -32.50 -7.22
N PRO A 59 -12.20 -33.57 -7.95
CA PRO A 59 -12.15 -34.91 -7.36
C PRO A 59 -10.75 -35.28 -6.89
N SER A 60 -10.68 -36.15 -5.90
CA SER A 60 -9.41 -36.50 -5.27
C SER A 60 -8.60 -37.52 -6.03
N ARG A 61 -9.01 -37.87 -7.26
CA ARG A 61 -8.14 -38.66 -8.13
C ARG A 61 -6.90 -37.87 -8.53
N PHE A 62 -7.05 -36.56 -8.68
CA PHE A 62 -5.95 -35.71 -9.13
C PHE A 62 -4.99 -35.43 -7.99
N SER A 63 -3.72 -35.35 -8.32
CA SER A 63 -2.66 -35.14 -7.34
C SER A 63 -1.47 -34.52 -8.03
N GLY A 64 -0.83 -33.56 -7.37
CA GLY A 64 0.32 -32.91 -7.95
C GLY A 64 1.59 -33.15 -7.16
N SER A 65 2.74 -33.01 -7.80
CA SER A 65 4.02 -33.28 -7.17
C SER A 65 5.10 -32.52 -7.93
N GLY A 66 6.33 -32.63 -7.44
CA GLY A 66 7.47 -32.03 -8.08
C GLY A 66 8.10 -30.94 -7.22
N SER A 67 9.32 -30.58 -7.60
CA SER A 67 10.07 -29.54 -6.91
C SER A 67 11.20 -29.07 -7.82
N GLY A 68 11.48 -27.76 -7.76
CA GLY A 68 12.58 -27.22 -8.52
C GLY A 68 12.21 -26.89 -9.96
N THR A 69 12.57 -27.79 -10.88
CA THR A 69 12.30 -27.61 -12.30
C THR A 69 11.31 -28.62 -12.85
N ASP A 70 11.38 -29.88 -12.42
CA ASP A 70 10.52 -30.93 -12.95
C ASP A 70 9.33 -31.15 -12.03
N TYR A 71 8.14 -31.24 -12.62
CA TYR A 71 6.89 -31.33 -11.88
C TYR A 71 6.01 -32.40 -12.51
N SER A 72 4.92 -32.76 -11.83
CA SER A 72 4.09 -33.88 -12.24
C SER A 72 2.62 -33.62 -11.92
N LEU A 73 1.75 -34.30 -12.65
CA LEU A 73 0.32 -34.36 -12.38
C LEU A 73 -0.13 -35.79 -12.55
N THR A 74 -0.88 -36.31 -11.58
CA THR A 74 -1.23 -37.73 -11.56
C THR A 74 -2.73 -37.88 -11.39
N ILE A 75 -3.33 -38.72 -12.23
CA ILE A 75 -4.72 -39.14 -12.10
C ILE A 75 -4.68 -40.64 -11.83
N ASN A 76 -4.93 -41.04 -10.59
CA ASN A 76 -4.67 -42.43 -10.21
C ASN A 76 -5.77 -43.39 -10.62
N SER A 77 -6.89 -42.89 -11.14
CA SER A 77 -7.95 -43.75 -11.69
C SER A 77 -8.64 -42.97 -12.80
N LEU A 78 -8.29 -43.28 -14.04
CA LEU A 78 -8.80 -42.54 -15.18
C LEU A 78 -10.27 -42.87 -15.43
N GLU A 79 -11.08 -41.83 -15.58
CA GLU A 79 -12.51 -41.94 -15.85
C GLU A 79 -12.81 -41.38 -17.24
N GLN A 80 -14.09 -41.31 -17.58
CA GLN A 80 -14.48 -40.76 -18.88
C GLN A 80 -14.58 -39.24 -18.83
N GLU A 81 -14.82 -38.67 -17.66
CA GLU A 81 -14.85 -37.22 -17.50
C GLU A 81 -13.47 -36.60 -17.34
N ASP A 82 -12.40 -37.39 -17.44
CA ASP A 82 -11.04 -36.90 -17.30
C ASP A 82 -10.30 -36.87 -18.63
N ILE A 83 -11.00 -37.13 -19.74
CA ILE A 83 -10.40 -37.08 -21.06
C ILE A 83 -10.45 -35.63 -21.52
N ALA A 84 -9.32 -34.95 -21.45
CA ALA A 84 -9.25 -33.52 -21.72
C ALA A 84 -7.81 -33.15 -22.05
N THR A 85 -7.55 -31.85 -22.10
CA THR A 85 -6.22 -31.31 -22.35
C THR A 85 -5.74 -30.59 -21.09
N TYR A 86 -4.48 -30.78 -20.73
CA TYR A 86 -3.95 -30.29 -19.46
C TYR A 86 -2.74 -29.39 -19.72
N PHE A 87 -2.77 -28.20 -19.13
CA PHE A 87 -1.71 -27.19 -19.28
C PHE A 87 -1.07 -26.89 -17.94
N CYS A 88 0.23 -26.62 -17.96
CA CYS A 88 0.93 -26.11 -16.80
C CYS A 88 1.20 -24.63 -16.97
N GLN A 89 1.32 -23.92 -15.85
CA GLN A 89 1.51 -22.47 -15.87
C GLN A 89 2.37 -22.06 -14.69
N GLN A 90 3.43 -21.31 -14.97
CA GLN A 90 4.28 -20.80 -13.91
C GLN A 90 3.82 -19.41 -13.47
N GLY A 91 4.04 -19.12 -12.20
CA GLY A 91 3.65 -17.83 -11.66
C GLY A 91 4.80 -17.14 -10.96
N ASN A 92 6.01 -17.29 -11.50
CA ASN A 92 7.21 -16.78 -10.86
C ASN A 92 7.74 -15.50 -11.50
N THR A 93 7.61 -15.35 -12.82
CA THR A 93 8.28 -14.29 -13.55
C THR A 93 7.29 -13.66 -14.53
N PHE A 94 7.43 -12.36 -14.78
CA PHE A 94 6.68 -11.68 -15.82
C PHE A 94 7.28 -12.00 -17.18
N PRO A 95 6.49 -12.36 -18.20
CA PRO A 95 5.04 -12.56 -18.16
C PRO A 95 4.65 -13.99 -17.83
N PHE A 96 3.36 -14.22 -17.62
CA PHE A 96 2.87 -15.58 -17.40
C PHE A 96 3.03 -16.41 -18.66
N THR A 97 3.64 -17.58 -18.53
CA THR A 97 3.83 -18.48 -19.65
C THR A 97 3.15 -19.80 -19.34
N PHE A 98 2.36 -20.28 -20.29
CA PHE A 98 1.68 -21.57 -20.19
C PHE A 98 2.48 -22.61 -20.97
N GLY A 99 2.36 -23.85 -20.54
CA GLY A 99 2.98 -24.93 -21.28
C GLY A 99 2.14 -25.33 -22.47
N GLY A 100 2.68 -26.24 -23.27
CA GLY A 100 1.92 -26.83 -24.33
C GLY A 100 0.86 -27.77 -23.79
N GLY A 101 -0.01 -28.21 -24.67
CA GLY A 101 -1.06 -29.12 -24.23
C GLY A 101 -0.56 -30.53 -24.04
N THR A 102 -1.43 -31.34 -23.43
CA THR A 102 -1.22 -32.79 -23.38
C THR A 102 -2.60 -33.42 -23.39
N LYS A 103 -2.92 -34.12 -24.47
CA LYS A 103 -4.25 -34.68 -24.67
C LYS A 103 -4.28 -36.14 -24.25
N LEU A 104 -5.42 -36.55 -23.69
CA LEU A 104 -5.62 -37.92 -23.25
C LEU A 104 -6.54 -38.65 -24.23
N GLU A 105 -6.34 -39.96 -24.35
CA GLU A 105 -7.20 -40.80 -25.18
C GLU A 105 -7.19 -42.22 -24.63
N ILE A 106 -7.91 -43.11 -25.30
CA ILE A 106 -8.11 -44.49 -24.86
C ILE A 106 -7.11 -45.38 -25.58
N ARG A 107 -6.66 -46.43 -24.89
CA ARG A 107 -5.53 -47.24 -25.37
C ARG A 107 -5.92 -48.09 -26.57
N ARG A 108 -7.06 -48.75 -26.54
CA ARG A 108 -7.48 -49.57 -27.67
C ARG A 108 -8.93 -49.27 -28.07
N VAL B 2 -21.67 -15.47 -11.14
CA VAL B 2 -20.32 -15.68 -10.62
C VAL B 2 -19.45 -15.97 -11.85
N GLN B 3 -20.10 -15.94 -13.00
CA GLN B 3 -19.54 -16.36 -14.27
C GLN B 3 -19.10 -15.16 -15.10
N LEU B 4 -18.36 -15.47 -16.17
CA LEU B 4 -17.89 -14.49 -17.15
C LEU B 4 -18.46 -14.87 -18.51
N GLN B 5 -19.07 -13.90 -19.20
CA GLN B 5 -19.76 -14.17 -20.46
C GLN B 5 -19.14 -13.34 -21.58
N GLN B 6 -18.74 -14.02 -22.66
CA GLN B 6 -18.08 -13.38 -23.78
C GLN B 6 -19.04 -13.17 -24.94
N SER B 7 -18.51 -12.64 -26.03
CA SER B 7 -19.30 -12.34 -27.23
C SER B 7 -19.35 -13.58 -28.12
N ALA B 8 -19.87 -13.41 -29.33
CA ALA B 8 -19.99 -14.50 -30.28
C ALA B 8 -18.80 -14.52 -31.23
N ALA B 9 -18.80 -15.48 -32.15
CA ALA B 9 -17.70 -15.62 -33.09
C ALA B 9 -17.74 -14.50 -34.14
N GLU B 10 -16.55 -14.02 -34.51
CA GLU B 10 -16.40 -12.86 -35.35
C GLU B 10 -15.45 -13.15 -36.50
N LEU B 11 -15.62 -12.42 -37.60
CA LEU B 11 -14.87 -12.64 -38.83
C LEU B 11 -14.52 -11.29 -39.42
N ALA B 12 -13.25 -11.10 -39.77
CA ALA B 12 -12.79 -9.82 -40.28
C ALA B 12 -11.83 -10.02 -41.44
N ARG B 13 -11.72 -8.98 -42.26
CA ARG B 13 -10.78 -8.94 -43.36
C ARG B 13 -9.37 -8.68 -42.84
N PRO B 14 -8.35 -9.09 -43.59
CA PRO B 14 -6.97 -8.74 -43.20
C PRO B 14 -6.73 -7.24 -43.31
N GLY B 15 -6.18 -6.67 -42.25
CA GLY B 15 -5.97 -5.24 -42.16
C GLY B 15 -7.06 -4.50 -41.41
N ALA B 16 -8.19 -5.16 -41.13
CA ALA B 16 -9.30 -4.54 -40.44
C ALA B 16 -9.11 -4.66 -38.93
N SER B 17 -10.16 -4.36 -38.17
CA SER B 17 -10.12 -4.45 -36.72
C SER B 17 -11.35 -5.19 -36.21
N VAL B 18 -11.31 -5.56 -34.94
CA VAL B 18 -12.35 -6.38 -34.34
C VAL B 18 -12.32 -6.14 -32.83
N LYS B 19 -13.48 -6.17 -32.19
CA LYS B 19 -13.62 -5.82 -30.78
C LYS B 19 -14.42 -6.88 -30.05
N MET B 20 -13.82 -7.48 -29.04
CA MET B 20 -14.49 -8.47 -28.21
C MET B 20 -15.03 -7.82 -26.94
N SER B 21 -15.69 -8.63 -26.11
CA SER B 21 -16.20 -8.17 -24.82
C SER B 21 -16.27 -9.35 -23.88
N CYS B 22 -16.29 -9.06 -22.59
CA CYS B 22 -16.35 -10.10 -21.55
C CYS B 22 -17.10 -9.51 -20.37
N LYS B 23 -18.40 -9.76 -20.32
CA LYS B 23 -19.25 -9.18 -19.27
C LYS B 23 -19.16 -10.00 -18.00
N ALA B 24 -18.80 -9.35 -16.90
CA ALA B 24 -18.62 -10.01 -15.62
C ALA B 24 -19.85 -9.83 -14.75
N SER B 25 -20.17 -10.88 -13.99
CA SER B 25 -21.30 -10.81 -13.06
C SER B 25 -21.02 -11.73 -11.89
N GLY B 26 -21.75 -11.51 -10.80
CA GLY B 26 -21.61 -12.30 -9.60
C GLY B 26 -20.67 -11.72 -8.57
N TYR B 27 -19.93 -10.67 -8.91
CA TYR B 27 -18.95 -10.09 -8.00
C TYR B 27 -18.80 -8.61 -8.35
N THR B 28 -17.98 -7.91 -7.55
CA THR B 28 -17.73 -6.50 -7.77
C THR B 28 -16.62 -6.33 -8.81
N PHE B 29 -16.95 -5.69 -9.92
CA PHE B 29 -16.11 -5.71 -11.11
C PHE B 29 -14.80 -4.95 -10.92
N THR B 30 -14.79 -3.94 -10.08
CA THR B 30 -13.63 -3.06 -9.93
C THR B 30 -12.63 -3.58 -8.91
N THR B 31 -12.78 -4.80 -8.41
CA THR B 31 -11.89 -5.33 -7.39
C THR B 31 -10.78 -6.19 -7.97
N TYR B 32 -11.02 -6.90 -9.07
CA TYR B 32 -10.05 -7.81 -9.64
C TYR B 32 -9.70 -7.40 -11.06
N THR B 33 -8.44 -7.65 -11.44
CA THR B 33 -8.00 -7.38 -12.79
C THR B 33 -8.54 -8.45 -13.74
N MET B 34 -8.57 -8.11 -15.03
CA MET B 34 -9.15 -8.97 -16.05
C MET B 34 -8.11 -9.25 -17.12
N HIS B 35 -7.71 -10.51 -17.24
CA HIS B 35 -6.62 -10.92 -18.12
C HIS B 35 -7.16 -11.56 -19.39
N TRP B 36 -6.38 -11.51 -20.46
CA TRP B 36 -6.77 -12.04 -21.75
C TRP B 36 -5.72 -13.03 -22.25
N VAL B 37 -6.19 -14.19 -22.72
CA VAL B 37 -5.32 -15.30 -23.12
C VAL B 37 -5.69 -15.70 -24.55
N LYS B 38 -4.67 -15.94 -25.38
CA LYS B 38 -4.84 -16.36 -26.76
C LYS B 38 -4.43 -17.82 -26.92
N GLN B 39 -5.22 -18.58 -27.67
CA GLN B 39 -4.90 -19.98 -27.97
C GLN B 39 -5.04 -20.23 -29.47
N ARG B 40 -3.93 -20.29 -30.17
CA ARG B 40 -3.94 -20.76 -31.54
C ARG B 40 -4.15 -22.27 -31.55
N PRO B 41 -4.87 -22.81 -32.54
CA PRO B 41 -5.35 -24.21 -32.44
C PRO B 41 -4.26 -25.27 -32.51
N GLY B 42 -3.09 -24.95 -33.04
CA GLY B 42 -2.03 -25.94 -33.09
C GLY B 42 -1.01 -25.76 -31.98
N GLN B 43 -1.18 -24.72 -31.16
CA GLN B 43 -0.22 -24.42 -30.11
C GLN B 43 -0.90 -24.36 -28.75
N GLY B 44 -0.16 -23.91 -27.74
CA GLY B 44 -0.68 -23.79 -26.40
C GLY B 44 -1.22 -22.41 -26.12
N LEU B 45 -1.53 -22.18 -24.84
CA LEU B 45 -2.09 -20.92 -24.40
C LEU B 45 -1.02 -19.85 -24.36
N GLU B 46 -1.46 -18.59 -24.43
CA GLU B 46 -0.52 -17.48 -24.55
C GLU B 46 -1.10 -16.24 -23.89
N TRP B 47 -0.32 -15.61 -23.02
CA TRP B 47 -0.77 -14.44 -22.27
C TRP B 47 -0.64 -13.18 -23.10
N ILE B 48 -1.63 -12.30 -22.97
CA ILE B 48 -1.68 -11.05 -23.75
C ILE B 48 -1.50 -9.83 -22.85
N GLY B 49 -2.37 -9.68 -21.85
CA GLY B 49 -2.28 -8.54 -20.96
C GLY B 49 -3.46 -8.52 -20.02
N TYR B 50 -3.54 -7.43 -19.26
CA TYR B 50 -4.64 -7.25 -18.31
C TYR B 50 -5.01 -5.78 -18.23
N ILE B 51 -6.08 -5.49 -17.51
CA ILE B 51 -6.49 -4.12 -17.23
C ILE B 51 -7.05 -4.07 -15.81
N ASN B 52 -6.63 -3.07 -15.05
CA ASN B 52 -7.20 -2.78 -13.74
C ASN B 52 -8.47 -1.97 -13.93
N PRO B 53 -9.65 -2.51 -13.61
CA PRO B 53 -10.89 -1.78 -13.88
C PRO B 53 -11.12 -0.57 -12.98
N SER B 54 -10.38 -0.42 -11.89
CA SER B 54 -10.57 0.69 -10.99
C SER B 54 -9.86 1.94 -11.49
N SER B 55 -8.66 1.78 -12.04
CA SER B 55 -7.83 2.90 -12.45
C SER B 55 -7.60 2.96 -13.95
N ARG B 56 -8.14 1.99 -14.70
CA ARG B 56 -8.03 1.88 -16.16
C ARG B 56 -6.57 1.79 -16.60
N TYR B 57 -5.77 1.06 -15.83
CA TYR B 57 -4.35 0.87 -16.12
C TYR B 57 -4.16 -0.48 -16.80
N THR B 58 -3.52 -0.47 -17.95
CA THR B 58 -3.31 -1.67 -18.75
C THR B 58 -1.82 -1.96 -18.87
N GLU B 59 -1.47 -3.24 -18.89
CA GLU B 59 -0.11 -3.70 -19.13
C GLU B 59 -0.15 -4.88 -20.08
N TYR B 60 0.74 -4.88 -21.07
CA TYR B 60 0.68 -5.85 -22.16
C TYR B 60 1.93 -6.72 -22.19
N ASN B 61 1.81 -7.83 -22.90
CA ASN B 61 2.95 -8.62 -23.31
C ASN B 61 3.73 -7.86 -24.39
N GLN B 62 4.98 -8.26 -24.60
CA GLN B 62 5.80 -7.57 -25.59
C GLN B 62 5.41 -7.93 -27.01
N LYS B 63 4.90 -9.14 -27.23
CA LYS B 63 4.48 -9.53 -28.57
C LYS B 63 3.18 -8.86 -28.97
N PHE B 64 2.30 -8.59 -28.00
CA PHE B 64 0.94 -8.14 -28.27
C PHE B 64 0.75 -6.67 -27.95
N LYS B 65 1.83 -5.91 -27.81
CA LYS B 65 1.68 -4.54 -27.35
C LYS B 65 1.27 -3.60 -28.47
N ASP B 66 1.80 -3.80 -29.68
CA ASP B 66 1.56 -2.88 -30.79
C ASP B 66 0.22 -3.10 -31.48
N LYS B 67 -0.52 -4.16 -31.15
CA LYS B 67 -1.77 -4.48 -31.82
C LYS B 67 -2.98 -4.39 -30.91
N THR B 68 -2.94 -5.00 -29.73
CA THR B 68 -4.12 -5.07 -28.88
C THR B 68 -4.30 -3.78 -28.10
N THR B 69 -5.55 -3.52 -27.72
CA THR B 69 -5.92 -2.34 -26.93
C THR B 69 -7.02 -2.75 -25.95
N LEU B 70 -6.69 -2.77 -24.67
CA LEU B 70 -7.62 -3.19 -23.64
C LEU B 70 -8.33 -1.99 -23.05
N THR B 71 -9.63 -2.13 -22.81
CA THR B 71 -10.41 -1.07 -22.19
C THR B 71 -11.50 -1.70 -21.34
N ALA B 72 -12.20 -0.87 -20.57
CA ALA B 72 -13.21 -1.33 -19.63
C ALA B 72 -14.16 -0.20 -19.32
N ASP B 73 -15.30 -0.55 -18.71
CA ASP B 73 -16.23 0.45 -18.19
C ASP B 73 -16.91 -0.08 -16.94
N LYS B 74 -17.00 0.76 -15.92
CA LYS B 74 -17.55 0.34 -14.64
C LYS B 74 -19.07 0.23 -14.65
N SER B 75 -19.74 0.93 -15.57
CA SER B 75 -21.19 1.01 -15.53
C SER B 75 -21.84 -0.31 -15.94
N SER B 76 -21.57 -0.76 -17.17
CA SER B 76 -22.10 -2.04 -17.64
C SER B 76 -21.27 -3.23 -17.17
N SER B 77 -20.10 -2.98 -16.57
CA SER B 77 -19.20 -3.98 -16.00
C SER B 77 -18.78 -5.04 -17.03
N THR B 78 -18.39 -4.55 -18.20
CA THR B 78 -17.79 -5.38 -19.24
C THR B 78 -16.35 -4.93 -19.46
N ALA B 79 -15.58 -5.80 -20.10
CA ALA B 79 -14.19 -5.52 -20.44
C ALA B 79 -14.00 -5.85 -21.91
N TYR B 80 -13.55 -4.88 -22.69
CA TYR B 80 -13.40 -5.04 -24.12
C TYR B 80 -11.95 -5.32 -24.48
N MET B 81 -11.76 -5.75 -25.72
CA MET B 81 -10.42 -5.98 -26.26
C MET B 81 -10.47 -5.78 -27.76
N GLN B 82 -9.61 -4.90 -28.27
CA GLN B 82 -9.61 -4.55 -29.68
C GLN B 82 -8.31 -5.00 -30.32
N LEU B 83 -8.42 -5.84 -31.35
CA LEU B 83 -7.29 -6.23 -32.16
C LEU B 83 -7.29 -5.39 -33.44
N SER B 84 -6.12 -4.87 -33.81
CA SER B 84 -5.99 -4.03 -34.97
C SER B 84 -4.90 -4.58 -35.88
N SER B 85 -5.02 -4.26 -37.18
CA SER B 85 -4.11 -4.72 -38.24
C SER B 85 -4.01 -6.25 -38.27
N LEU B 86 -5.15 -6.87 -38.55
CA LEU B 86 -5.27 -8.31 -38.45
C LEU B 86 -4.56 -9.01 -39.60
N THR B 87 -3.82 -10.06 -39.26
CA THR B 87 -3.19 -10.94 -40.24
C THR B 87 -3.79 -12.33 -40.09
N PHE B 88 -3.23 -13.29 -40.82
CA PHE B 88 -3.68 -14.67 -40.70
C PHE B 88 -3.17 -15.34 -39.44
N GLU B 89 -2.07 -14.83 -38.87
CA GLU B 89 -1.54 -15.32 -37.61
C GLU B 89 -2.46 -14.99 -36.43
N ASP B 90 -3.28 -13.95 -36.55
CA ASP B 90 -4.13 -13.49 -35.47
C ASP B 90 -5.48 -14.20 -35.43
N SER B 91 -5.58 -15.39 -36.00
CA SER B 91 -6.81 -16.18 -35.97
C SER B 91 -6.68 -17.26 -34.90
N ALA B 92 -7.41 -17.11 -33.80
CA ALA B 92 -7.27 -17.99 -32.66
C ALA B 92 -8.56 -17.93 -31.84
N VAL B 93 -8.50 -18.48 -30.63
CA VAL B 93 -9.59 -18.41 -29.66
C VAL B 93 -9.10 -17.59 -28.47
N TYR B 94 -9.86 -16.57 -28.10
CA TYR B 94 -9.45 -15.61 -27.09
C TYR B 94 -10.32 -15.75 -25.85
N TYR B 95 -9.68 -15.96 -24.71
CA TYR B 95 -10.36 -16.11 -23.42
C TYR B 95 -10.16 -14.86 -22.57
N CYS B 96 -11.10 -14.63 -21.67
CA CYS B 96 -10.93 -13.67 -20.58
C CYS B 96 -10.92 -14.44 -19.28
N ALA B 97 -9.97 -14.10 -18.41
CA ALA B 97 -9.83 -14.76 -17.12
C ALA B 97 -9.71 -13.72 -16.03
N ARG B 98 -10.15 -14.07 -14.83
CA ARG B 98 -10.09 -13.18 -13.69
C ARG B 98 -9.05 -13.73 -12.75
N ARG B 99 -8.07 -12.91 -12.39
CA ARG B 99 -6.99 -13.38 -11.55
C ARG B 99 -7.17 -13.07 -10.08
N SER B 100 -6.97 -14.10 -9.27
CA SER B 100 -7.08 -14.02 -7.83
C SER B 100 -5.71 -14.36 -7.26
N GLU B 101 -5.46 -13.87 -6.05
CA GLU B 101 -4.19 -14.04 -5.35
C GLU B 101 -3.09 -13.46 -6.22
N ALA B 102 -1.98 -14.17 -6.39
CA ALA B 102 -0.92 -13.60 -7.20
C ALA B 102 -0.81 -14.12 -8.64
N ASP B 103 -0.85 -15.43 -8.82
CA ASP B 103 -0.70 -16.01 -10.14
C ASP B 103 -1.85 -16.94 -10.51
N ARG B 104 -2.95 -16.91 -9.77
CA ARG B 104 -4.05 -17.80 -10.15
C ARG B 104 -5.36 -17.40 -10.79
N PHE B 105 -5.64 -17.98 -11.96
CA PHE B 105 -6.85 -17.65 -12.69
C PHE B 105 -7.88 -18.71 -12.32
N VAL B 106 -8.84 -18.32 -11.50
CA VAL B 106 -9.88 -19.22 -11.03
C VAL B 106 -11.06 -19.28 -11.99
N TYR B 107 -11.49 -18.14 -12.52
CA TYR B 107 -12.67 -18.06 -13.37
C TYR B 107 -12.26 -17.67 -14.79
N TRP B 108 -12.73 -18.44 -15.76
CA TRP B 108 -12.46 -18.20 -17.17
C TRP B 108 -13.76 -17.93 -17.92
N GLY B 109 -13.63 -17.40 -19.13
CA GLY B 109 -14.75 -17.26 -20.03
C GLY B 109 -14.93 -18.51 -20.86
N GLN B 110 -15.82 -18.41 -21.84
CA GLN B 110 -16.03 -19.55 -22.75
C GLN B 110 -15.26 -19.42 -24.05
N GLY B 111 -14.71 -18.24 -24.35
CA GLY B 111 -13.89 -18.06 -25.53
C GLY B 111 -14.65 -17.60 -26.75
N THR B 112 -14.06 -16.70 -27.52
CA THR B 112 -14.59 -16.29 -28.81
C THR B 112 -13.61 -16.68 -29.91
N LEU B 113 -14.15 -17.16 -31.03
CA LEU B 113 -13.34 -17.57 -32.16
C LEU B 113 -13.29 -16.42 -33.17
N VAL B 114 -12.07 -16.07 -33.59
CA VAL B 114 -11.84 -15.05 -34.60
C VAL B 114 -11.15 -15.69 -35.78
N THR B 115 -11.74 -15.55 -36.98
CA THR B 115 -11.13 -16.01 -38.21
C THR B 115 -10.90 -14.84 -39.14
N VAL B 116 -9.71 -14.79 -39.74
CA VAL B 116 -9.32 -13.72 -40.64
C VAL B 116 -9.22 -14.30 -42.04
N SER B 117 -10.15 -13.92 -42.91
CA SER B 117 -10.20 -14.46 -44.27
C SER B 117 -10.80 -13.39 -45.19
N ALA B 118 -11.19 -13.82 -46.39
CA ALA B 118 -11.80 -12.92 -47.36
C ALA B 118 -12.84 -13.65 -48.21
N ALA C 12 -19.09 0.27 30.86
CA ALA C 12 -18.48 1.31 30.04
C ALA C 12 -19.53 2.22 29.46
N ARG C 13 -20.25 2.93 30.32
CA ARG C 13 -21.38 3.74 29.89
C ARG C 13 -20.91 5.00 29.15
N VAL C 14 -21.61 5.32 28.06
CA VAL C 14 -21.26 6.49 27.27
C VAL C 14 -21.78 7.75 27.95
N ALA C 15 -21.27 8.89 27.52
CA ALA C 15 -21.66 10.17 28.10
C ALA C 15 -23.03 10.59 27.60
N ASP C 16 -23.74 11.35 28.43
CA ASP C 16 -25.10 11.75 28.14
C ASP C 16 -25.17 13.26 27.92
N THR C 17 -26.15 13.68 27.12
CA THR C 17 -26.23 15.07 26.71
C THR C 17 -26.87 15.91 27.81
N ILE C 18 -26.50 17.18 27.85
CA ILE C 18 -27.02 18.11 28.83
C ILE C 18 -27.87 19.14 28.11
N SER C 19 -28.71 19.82 28.88
CA SER C 19 -29.63 20.79 28.30
C SER C 19 -28.90 22.07 27.95
N SER C 20 -29.21 22.61 26.77
CA SER C 20 -28.53 23.79 26.25
C SER C 20 -29.54 24.92 26.10
N ARG C 21 -29.01 26.13 26.01
CA ARG C 21 -29.75 27.38 26.04
C ARG C 21 -29.35 28.22 24.85
N PRO C 22 -30.13 29.27 24.51
CA PRO C 22 -29.66 30.21 23.48
C PRO C 22 -28.47 31.02 23.97
N THR C 23 -27.43 31.11 23.15
CA THR C 23 -26.22 31.82 23.50
C THR C 23 -25.95 32.95 22.52
N ASN C 24 -25.30 34.00 23.02
CA ASN C 24 -24.79 35.12 22.23
C ASN C 24 -23.51 35.54 22.96
N SER C 25 -22.37 35.03 22.52
CA SER C 25 -21.13 35.24 23.24
C SER C 25 -19.95 35.25 22.29
N GLU C 26 -18.77 35.46 22.87
CA GLU C 26 -17.52 35.48 22.13
C GLU C 26 -16.82 34.12 22.14
N SER C 27 -17.46 33.08 22.66
CA SER C 27 -16.89 31.74 22.69
C SER C 27 -17.30 31.00 21.43
N ILE C 28 -16.33 30.36 20.78
CA ILE C 28 -16.53 29.74 19.47
C ILE C 28 -16.16 28.26 19.48
N PRO C 29 -17.04 27.37 19.97
CA PRO C 29 -16.70 25.94 19.95
C PRO C 29 -16.71 25.33 18.56
N ALA C 30 -17.42 25.90 17.60
CA ALA C 30 -17.47 25.32 16.26
C ALA C 30 -16.20 25.62 15.47
N LEU C 31 -15.59 26.78 15.69
CA LEU C 31 -14.40 27.16 14.94
C LEU C 31 -13.16 26.60 15.62
N THR C 32 -12.36 25.85 14.85
CA THR C 32 -11.16 25.23 15.38
C THR C 32 -10.07 25.31 14.31
N ALA C 33 -8.98 24.60 14.53
CA ALA C 33 -7.88 24.50 13.55
C ALA C 33 -7.48 23.05 13.44
N ALA C 34 -7.76 22.43 12.30
CA ALA C 34 -7.44 21.04 12.09
C ALA C 34 -5.97 20.81 11.76
N GLU C 35 -5.19 21.88 11.55
CA GLU C 35 -3.78 21.77 11.25
C GLU C 35 -2.96 21.35 12.45
N THR C 36 -3.51 21.42 13.66
CA THR C 36 -2.77 21.08 14.85
C THR C 36 -2.58 19.58 15.01
N GLY C 37 -3.35 18.77 14.30
CA GLY C 37 -3.31 17.32 14.50
C GLY C 37 -4.17 16.85 15.63
N HIS C 38 -5.18 17.63 16.00
CA HIS C 38 -6.02 17.38 17.18
C HIS C 38 -7.46 17.43 16.73
N THR C 39 -8.24 16.42 17.12
CA THR C 39 -9.62 16.34 16.68
C THR C 39 -10.51 17.12 17.64
N SER C 40 -11.64 17.60 17.11
CA SER C 40 -12.51 18.48 17.86
C SER C 40 -13.24 17.72 18.96
N GLN C 41 -13.29 18.32 20.15
CA GLN C 41 -13.93 17.68 21.31
C GLN C 41 -15.33 18.21 21.55
N VAL C 42 -16.02 18.61 20.52
CA VAL C 42 -17.32 19.23 20.66
C VAL C 42 -18.40 18.17 20.76
N VAL C 43 -19.49 18.52 21.42
CA VAL C 43 -20.66 17.69 21.60
C VAL C 43 -21.80 18.46 20.93
N PRO C 44 -22.95 17.87 20.61
CA PRO C 44 -24.01 18.66 19.95
C PRO C 44 -24.69 19.68 20.84
N SER C 45 -24.42 19.72 22.13
CA SER C 45 -25.01 20.73 22.99
C SER C 45 -24.26 22.06 22.93
N ASP C 46 -23.23 22.17 22.09
CA ASP C 46 -22.52 23.42 21.87
C ASP C 46 -22.97 24.16 20.62
N THR C 47 -23.56 23.46 19.66
CA THR C 47 -23.94 24.05 18.39
C THR C 47 -25.44 24.19 18.20
N MET C 48 -26.25 23.66 19.11
CA MET C 48 -27.70 23.76 19.01
C MET C 48 -28.28 23.57 20.40
N GLN C 49 -29.58 23.81 20.52
CA GLN C 49 -30.30 23.61 21.76
C GLN C 49 -30.70 22.14 21.89
N THR C 50 -30.25 21.51 22.96
CA THR C 50 -30.54 20.11 23.21
C THR C 50 -31.39 19.96 24.46
N ARG C 51 -31.89 18.75 24.67
CA ARG C 51 -32.55 18.37 25.89
C ARG C 51 -31.65 17.43 26.67
N HIS C 52 -31.98 17.24 27.94
CA HIS C 52 -31.21 16.33 28.79
C HIS C 52 -31.72 14.92 28.56
N VAL C 53 -30.89 14.08 27.97
CA VAL C 53 -31.12 12.64 27.94
C VAL C 53 -30.07 12.02 28.84
N LYS C 54 -30.37 10.83 29.35
CA LYS C 54 -29.40 10.03 30.08
C LYS C 54 -29.21 8.71 29.35
N ASN C 55 -28.02 8.50 28.81
CA ASN C 55 -27.70 7.33 28.02
C ASN C 55 -27.33 6.17 28.91
N TYR C 56 -27.89 5.00 28.61
CA TYR C 56 -27.53 3.76 29.27
C TYR C 56 -26.76 2.83 28.34
N HIS C 57 -26.25 3.35 27.24
CA HIS C 57 -25.55 2.54 26.26
C HIS C 57 -24.14 2.25 26.74
N SER C 58 -23.63 1.08 26.38
CA SER C 58 -22.31 0.65 26.80
C SER C 58 -21.42 0.40 25.60
N ARG C 59 -20.12 0.56 25.82
CA ARG C 59 -19.09 0.23 24.84
C ARG C 59 -18.43 -1.09 25.18
N SER C 60 -19.23 -2.05 25.64
CA SER C 60 -18.70 -3.30 26.16
C SER C 60 -18.32 -4.28 25.05
N GLU C 61 -19.04 -4.27 23.94
CA GLU C 61 -18.79 -5.24 22.87
C GLU C 61 -17.74 -4.76 21.87
N SER C 62 -17.16 -3.59 22.08
CA SER C 62 -16.16 -3.08 21.16
C SER C 62 -14.76 -3.08 21.76
N SER C 63 -14.57 -3.75 22.89
CA SER C 63 -13.26 -3.88 23.51
C SER C 63 -12.35 -4.73 22.64
N ILE C 64 -11.04 -4.65 22.92
CA ILE C 64 -10.08 -5.45 22.17
C ILE C 64 -10.24 -6.92 22.52
N GLU C 65 -10.67 -7.21 23.76
CA GLU C 65 -10.92 -8.59 24.15
C GLU C 65 -12.16 -9.15 23.46
N ASN C 66 -13.22 -8.35 23.36
CA ASN C 66 -14.45 -8.87 22.75
C ASN C 66 -14.35 -8.91 21.23
N PHE C 67 -13.53 -8.05 20.64
CA PHE C 67 -13.40 -8.02 19.19
C PHE C 67 -12.60 -9.21 18.67
N LEU C 68 -11.60 -9.65 19.44
CA LEU C 68 -10.64 -10.62 18.94
C LEU C 68 -10.86 -12.04 19.44
N CYS C 69 -11.54 -12.23 20.56
CA CYS C 69 -11.64 -13.55 21.19
C CYS C 69 -12.83 -14.33 20.62
N ARG C 70 -12.69 -14.69 19.35
CA ARG C 70 -13.60 -15.61 18.67
C ARG C 70 -12.78 -16.53 17.81
N SER C 71 -13.21 -17.79 17.69
CA SER C 71 -12.43 -18.80 16.97
C SER C 71 -12.54 -18.59 15.47
N ALA C 72 -11.39 -18.62 14.79
CA ALA C 72 -11.31 -18.40 13.36
C ALA C 72 -10.46 -19.48 12.72
N CYS C 73 -10.92 -20.01 11.59
CA CYS C 73 -10.17 -21.05 10.89
C CYS C 73 -8.95 -20.45 10.22
N VAL C 74 -7.80 -21.09 10.41
CA VAL C 74 -6.55 -20.59 9.85
C VAL C 74 -5.97 -21.48 8.76
N TYR C 75 -6.31 -22.77 8.72
CA TYR C 75 -5.79 -23.69 7.72
C TYR C 75 -6.65 -24.95 7.73
N TYR C 76 -6.54 -25.73 6.66
CA TYR C 76 -6.97 -27.12 6.71
C TYR C 76 -6.09 -27.95 5.78
N ALA C 77 -5.72 -29.14 6.25
CA ALA C 77 -4.82 -30.03 5.54
C ALA C 77 -5.44 -31.41 5.42
N THR C 78 -5.09 -32.14 4.37
CA THR C 78 -5.59 -33.48 4.11
C THR C 78 -4.47 -34.50 4.12
N TYR C 79 -4.84 -35.75 4.40
CA TYR C 79 -3.92 -36.88 4.37
C TYR C 79 -4.72 -38.16 4.20
N THR C 80 -4.14 -39.13 3.50
CA THR C 80 -4.84 -40.32 3.06
C THR C 80 -4.25 -41.56 3.74
N ASN C 81 -5.11 -42.54 4.03
CA ASN C 81 -4.70 -43.73 4.77
C ASN C 81 -3.81 -44.63 3.95
N ASN C 82 -4.32 -45.15 2.84
CA ASN C 82 -3.60 -46.14 2.03
C ASN C 82 -2.57 -45.41 1.16
N SER C 83 -1.48 -45.02 1.81
CA SER C 83 -0.28 -44.46 1.18
C SER C 83 0.83 -44.42 2.21
N LYS C 84 2.03 -44.80 1.81
CA LYS C 84 3.21 -44.42 2.56
C LYS C 84 3.47 -42.94 2.32
N LYS C 85 3.99 -42.26 3.34
CA LYS C 85 4.12 -40.80 3.41
C LYS C 85 2.77 -40.11 3.23
N GLY C 86 1.70 -40.73 3.72
CA GLY C 86 0.44 -40.04 3.80
C GLY C 86 0.27 -39.45 5.19
N PHE C 87 0.66 -38.19 5.33
CA PHE C 87 0.61 -37.43 6.57
C PHE C 87 0.78 -35.98 6.19
N ALA C 88 0.23 -35.09 7.02
CA ALA C 88 0.16 -33.67 6.71
C ALA C 88 1.12 -32.88 7.58
N GLU C 89 1.51 -31.71 7.09
CA GLU C 89 2.33 -30.78 7.86
C GLU C 89 1.87 -29.35 7.58
N TRP C 90 2.22 -28.46 8.50
CA TRP C 90 1.86 -27.05 8.36
C TRP C 90 2.83 -26.22 9.18
N VAL C 91 3.51 -25.28 8.53
CA VAL C 91 4.34 -24.31 9.24
C VAL C 91 3.42 -23.20 9.75
N ILE C 92 3.44 -22.99 11.06
CA ILE C 92 2.42 -22.20 11.73
C ILE C 92 2.57 -20.72 11.40
N ASN C 93 1.50 -20.11 10.92
CA ASN C 93 1.40 -18.67 10.73
C ASN C 93 -0.07 -18.29 10.71
N THR C 94 -0.33 -16.99 10.71
CA THR C 94 -1.68 -16.45 10.70
C THR C 94 -1.96 -15.64 9.45
N ARG C 95 -1.22 -15.91 8.37
CA ARG C 95 -1.22 -15.04 7.20
C ARG C 95 -1.69 -15.73 5.93
N GLN C 96 -2.43 -16.83 6.06
CA GLN C 96 -2.93 -17.53 4.89
C GLN C 96 -4.44 -17.38 4.69
N VAL C 97 -5.14 -16.84 5.66
CA VAL C 97 -6.57 -16.61 5.55
C VAL C 97 -6.82 -15.12 5.48
N ALA C 98 -7.98 -14.75 4.96
CA ALA C 98 -8.27 -13.35 4.70
C ALA C 98 -8.86 -12.63 5.90
N GLN C 99 -9.56 -13.33 6.77
CA GLN C 99 -10.39 -12.69 7.79
C GLN C 99 -9.67 -12.46 9.11
N LEU C 100 -8.91 -13.43 9.60
CA LEU C 100 -8.15 -13.22 10.83
C LEU C 100 -6.93 -12.35 10.58
N ARG C 101 -6.37 -12.40 9.37
CA ARG C 101 -5.23 -11.56 9.04
C ARG C 101 -5.60 -10.08 9.03
N ARG C 102 -6.80 -9.74 8.57
CA ARG C 102 -7.19 -8.34 8.55
C ARG C 102 -7.56 -7.82 9.92
N LYS C 103 -8.03 -8.69 10.82
CA LYS C 103 -8.36 -8.26 12.17
C LYS C 103 -7.12 -8.04 13.01
N LEU C 104 -6.13 -8.91 12.89
CA LEU C 104 -4.90 -8.77 13.66
C LEU C 104 -4.03 -7.62 13.14
N GLU C 105 -4.21 -7.21 11.89
CA GLU C 105 -3.40 -6.17 11.29
C GLU C 105 -4.05 -4.79 11.37
N LEU C 106 -4.94 -4.58 12.34
CA LEU C 106 -5.30 -3.23 12.72
C LEU C 106 -4.37 -2.68 13.79
N PHE C 107 -3.48 -3.50 14.31
CA PHE C 107 -2.54 -3.12 15.35
C PHE C 107 -1.15 -3.55 14.93
N THR C 108 -0.14 -2.80 15.39
CA THR C 108 1.22 -3.12 15.03
C THR C 108 1.80 -4.20 15.92
N TYR C 109 1.51 -4.16 17.22
CA TYR C 109 2.02 -5.13 18.17
C TYR C 109 0.89 -5.75 18.97
N LEU C 110 0.99 -7.05 19.23
CA LEU C 110 -0.04 -7.78 19.97
C LEU C 110 0.63 -8.72 20.95
N ARG C 111 -0.13 -9.12 21.97
CA ARG C 111 0.38 -10.00 23.01
C ARG C 111 -0.81 -10.75 23.60
N PHE C 112 -0.93 -12.04 23.29
CA PHE C 112 -2.09 -12.80 23.71
C PHE C 112 -1.70 -14.24 24.00
N ASP C 113 -2.59 -14.94 24.70
CA ASP C 113 -2.58 -16.40 24.79
C ASP C 113 -3.49 -16.98 23.73
N LEU C 114 -3.27 -18.24 23.41
CA LEU C 114 -4.04 -18.90 22.36
C LEU C 114 -4.94 -19.96 22.93
N GLU C 115 -5.80 -20.50 22.06
CA GLU C 115 -6.67 -21.62 22.40
C GLU C 115 -6.92 -22.37 21.10
N LEU C 116 -6.21 -23.49 20.91
CA LEU C 116 -6.32 -24.28 19.69
C LEU C 116 -7.54 -25.17 19.75
N THR C 117 -8.17 -25.39 18.59
CA THR C 117 -9.24 -26.35 18.45
C THR C 117 -9.15 -26.97 17.06
N PHE C 118 -9.29 -28.28 16.99
CA PHE C 118 -9.17 -29.02 15.75
C PHE C 118 -10.49 -29.70 15.42
N VAL C 119 -10.88 -29.66 14.15
CA VAL C 119 -12.09 -30.32 13.67
C VAL C 119 -11.65 -31.33 12.61
N ILE C 120 -11.70 -32.61 12.94
CA ILE C 120 -11.21 -33.68 12.08
C ILE C 120 -12.40 -34.48 11.56
N THR C 121 -12.49 -34.60 10.25
CA THR C 121 -13.50 -35.39 9.55
C THR C 121 -12.82 -36.43 8.67
N SER C 122 -13.62 -37.31 8.07
CA SER C 122 -13.09 -38.36 7.22
C SER C 122 -14.05 -38.62 6.07
N ALA C 123 -13.54 -39.29 5.04
CA ALA C 123 -14.33 -39.68 3.89
C ALA C 123 -13.83 -41.02 3.37
N GLN C 124 -14.73 -41.78 2.77
CA GLN C 124 -14.41 -43.11 2.26
C GLN C 124 -14.03 -43.01 0.79
N GLN C 125 -12.93 -43.65 0.42
CA GLN C 125 -12.33 -43.58 -0.89
C GLN C 125 -12.66 -44.84 -1.70
N PRO C 126 -12.64 -44.77 -3.05
CA PRO C 126 -13.13 -45.89 -3.86
C PRO C 126 -12.24 -47.12 -3.89
N SER C 127 -12.41 -48.01 -2.93
CA SER C 127 -11.71 -49.29 -2.92
C SER C 127 -12.40 -50.28 -3.86
N THR C 128 -11.95 -51.54 -3.83
CA THR C 128 -12.52 -52.58 -4.67
C THR C 128 -12.93 -53.84 -3.92
N ALA C 129 -12.65 -53.93 -2.62
CA ALA C 129 -13.03 -55.10 -1.84
C ALA C 129 -14.51 -55.09 -1.54
N SER C 130 -15.07 -56.28 -1.35
CA SER C 130 -16.45 -56.41 -0.94
C SER C 130 -16.56 -56.33 0.57
N SER C 131 -17.58 -55.63 1.05
CA SER C 131 -17.91 -55.47 2.47
C SER C 131 -16.75 -54.87 3.27
N VAL C 132 -16.47 -53.62 2.94
CA VAL C 132 -15.55 -52.82 3.75
C VAL C 132 -16.24 -52.41 5.04
N ASP C 133 -15.56 -52.62 6.17
CA ASP C 133 -16.11 -52.30 7.48
C ASP C 133 -14.96 -51.89 8.38
N ALA C 134 -14.88 -50.61 8.69
CA ALA C 134 -13.74 -50.10 9.43
C ALA C 134 -14.15 -49.64 10.82
N PRO C 135 -13.27 -49.77 11.82
CA PRO C 135 -13.56 -49.22 13.14
C PRO C 135 -13.42 -47.70 13.20
N VAL C 136 -13.56 -47.12 14.39
CA VAL C 136 -13.31 -45.70 14.55
C VAL C 136 -11.83 -45.42 14.37
N GLN C 137 -11.51 -44.24 13.86
CA GLN C 137 -10.14 -43.87 13.56
C GLN C 137 -9.58 -43.03 14.68
N THR C 138 -8.32 -43.28 15.02
CA THR C 138 -7.58 -42.47 15.99
C THR C 138 -6.53 -41.67 15.24
N HIS C 139 -6.43 -40.39 15.56
CA HIS C 139 -5.50 -39.47 14.91
C HIS C 139 -4.49 -38.96 15.93
N GLN C 140 -3.36 -38.50 15.42
CA GLN C 140 -2.33 -37.87 16.24
C GLN C 140 -1.91 -36.55 15.61
N ILE C 141 -1.81 -35.50 16.43
CA ILE C 141 -1.34 -34.19 15.99
C ILE C 141 -0.15 -33.83 16.85
N MET C 142 1.05 -33.91 16.27
CA MET C 142 2.29 -33.64 16.98
C MET C 142 2.79 -32.25 16.66
N TYR C 143 3.32 -31.55 17.66
CA TYR C 143 3.89 -30.22 17.49
C TYR C 143 5.40 -30.30 17.66
N VAL C 144 6.13 -29.84 16.65
CA VAL C 144 7.59 -29.87 16.64
C VAL C 144 8.08 -28.43 16.74
N PRO C 145 8.69 -28.03 17.86
CA PRO C 145 9.31 -26.70 17.95
C PRO C 145 10.51 -26.58 17.03
N PRO C 146 10.92 -25.35 16.65
CA PRO C 146 12.01 -25.20 15.68
C PRO C 146 13.36 -25.74 16.15
N GLY C 147 13.83 -26.77 15.45
CA GLY C 147 15.07 -27.46 15.80
C GLY C 147 14.90 -28.93 16.08
N GLY C 148 13.67 -29.38 16.33
CA GLY C 148 13.43 -30.77 16.63
C GLY C 148 13.46 -31.64 15.39
N PRO C 149 13.44 -32.96 15.61
CA PRO C 149 13.45 -33.88 14.47
C PRO C 149 12.05 -34.04 13.87
N VAL C 150 11.99 -34.08 12.55
CA VAL C 150 10.71 -34.14 11.85
C VAL C 150 10.47 -35.54 11.31
N PRO C 151 9.21 -35.98 11.22
CA PRO C 151 8.94 -37.28 10.61
C PRO C 151 8.97 -37.22 9.09
N THR C 152 9.53 -38.27 8.48
CA THR C 152 9.56 -38.41 7.05
C THR C 152 8.61 -39.46 6.52
N LYS C 153 7.98 -40.25 7.38
CA LYS C 153 6.96 -41.20 6.96
C LYS C 153 5.99 -41.40 8.11
N VAL C 154 4.99 -42.26 7.89
CA VAL C 154 3.92 -42.45 8.86
C VAL C 154 4.38 -43.30 10.03
N LYS C 155 5.10 -44.38 9.76
CA LYS C 155 5.66 -45.21 10.82
C LYS C 155 7.11 -44.83 11.10
N ASP C 156 7.30 -43.57 11.44
CA ASP C 156 8.61 -43.02 11.76
C ASP C 156 8.86 -43.12 13.26
N TYR C 157 10.13 -43.04 13.64
CA TYR C 157 10.47 -43.06 15.06
C TYR C 157 10.08 -41.77 15.76
N ALA C 158 9.90 -40.68 15.02
CA ALA C 158 9.72 -39.37 15.64
C ALA C 158 8.36 -39.18 16.29
N TRP C 159 7.43 -40.12 16.09
CA TRP C 159 6.12 -40.03 16.69
C TRP C 159 6.06 -40.62 18.10
N GLN C 160 7.21 -40.85 18.73
CA GLN C 160 7.22 -41.31 20.12
C GLN C 160 6.75 -40.22 21.07
N THR C 161 7.05 -38.96 20.75
CA THR C 161 6.67 -37.75 21.50
C THR C 161 7.12 -37.82 22.96
N SER C 162 8.42 -38.00 23.15
CA SER C 162 8.94 -38.02 24.51
C SER C 162 8.95 -36.63 25.12
N THR C 163 9.18 -35.60 24.31
CA THR C 163 9.21 -34.24 24.84
C THR C 163 8.34 -33.31 23.99
N ASN C 164 8.12 -33.65 22.72
CA ASN C 164 7.20 -32.89 21.89
C ASN C 164 5.77 -33.10 22.37
N PRO C 165 4.97 -32.05 22.53
CA PRO C 165 3.58 -32.24 22.91
C PRO C 165 2.70 -32.67 21.74
N SER C 166 1.88 -33.69 21.97
CA SER C 166 0.95 -34.16 20.96
C SER C 166 -0.41 -34.41 21.59
N VAL C 167 -1.37 -34.83 20.77
CA VAL C 167 -2.72 -35.13 21.22
C VAL C 167 -3.27 -36.27 20.38
N PHE C 168 -3.93 -37.22 21.05
CA PHE C 168 -4.59 -38.35 20.40
C PHE C 168 -6.09 -38.20 20.55
N TRP C 169 -6.83 -38.54 19.50
CA TRP C 169 -8.27 -38.28 19.48
C TRP C 169 -8.97 -39.31 18.62
N THR C 170 -10.07 -39.88 19.14
CA THR C 170 -10.87 -40.87 18.44
C THR C 170 -12.10 -40.20 17.86
N GLU C 171 -12.51 -40.63 16.68
CA GLU C 171 -13.62 -40.00 15.98
C GLU C 171 -14.95 -40.29 16.66
N GLY C 172 -15.80 -39.27 16.72
CA GLY C 172 -17.11 -39.38 17.33
C GLY C 172 -17.27 -38.59 18.60
N ASN C 173 -16.18 -38.10 19.19
CA ASN C 173 -16.20 -37.40 20.45
C ASN C 173 -16.21 -35.89 20.23
N ALA C 174 -16.05 -35.14 21.31
CA ALA C 174 -15.88 -33.70 21.23
C ALA C 174 -14.54 -33.36 20.57
N PRO C 175 -14.43 -32.18 19.95
CA PRO C 175 -13.16 -31.81 19.31
C PRO C 175 -12.07 -31.57 20.35
N PRO C 176 -10.81 -31.80 19.99
CA PRO C 176 -9.72 -31.56 20.94
C PRO C 176 -9.41 -30.08 21.07
N ARG C 177 -8.80 -29.72 22.20
CA ARG C 177 -8.57 -28.33 22.54
C ARG C 177 -7.45 -28.20 23.56
N MET C 178 -6.46 -27.36 23.26
CA MET C 178 -5.36 -27.05 24.16
C MET C 178 -5.36 -25.57 24.49
N SER C 179 -4.31 -25.12 25.17
CA SER C 179 -4.13 -23.73 25.53
C SER C 179 -2.64 -23.42 25.50
N ILE C 180 -2.27 -22.35 24.80
CA ILE C 180 -0.88 -22.03 24.52
C ILE C 180 -0.58 -20.66 25.11
N PRO C 181 0.50 -20.49 25.89
CA PRO C 181 0.82 -19.16 26.43
C PRO C 181 1.41 -18.22 25.41
N PHE C 182 1.85 -17.05 25.85
CA PHE C 182 2.52 -16.09 24.97
C PHE C 182 3.93 -16.59 24.71
N ILE C 183 4.11 -17.33 23.63
CA ILE C 183 5.44 -17.81 23.25
C ILE C 183 6.03 -16.80 22.27
N SER C 184 7.10 -16.12 22.70
CA SER C 184 7.81 -15.18 21.84
C SER C 184 9.18 -14.89 22.41
N ILE C 185 10.08 -14.53 21.52
CA ILE C 185 11.41 -14.06 21.91
C ILE C 185 11.34 -12.62 22.39
N GLY C 186 10.55 -11.78 21.71
CA GLY C 186 10.40 -10.38 22.07
C GLY C 186 9.29 -10.15 23.08
N ASN C 187 8.98 -8.88 23.28
CA ASN C 187 8.00 -8.49 24.28
C ASN C 187 6.59 -8.42 23.74
N ALA C 188 6.40 -8.57 22.43
CA ALA C 188 5.10 -8.58 21.80
C ALA C 188 5.22 -9.24 20.43
N TYR C 189 4.13 -9.82 19.97
CA TYR C 189 4.07 -10.29 18.59
C TYR C 189 4.06 -9.11 17.65
N SER C 190 4.79 -9.22 16.55
CA SER C 190 4.88 -8.15 15.57
C SER C 190 4.08 -8.55 14.34
N CYS C 191 3.17 -7.67 13.92
CA CYS C 191 2.41 -7.91 12.71
C CYS C 191 3.08 -7.34 11.48
N PHE C 192 3.95 -6.35 11.65
CA PHE C 192 4.69 -5.72 10.56
C PHE C 192 6.14 -5.57 10.99
N TYR C 193 7.05 -5.71 10.02
CA TYR C 193 8.47 -5.57 10.30
C TYR C 193 9.12 -4.91 9.10
N ASP C 194 9.67 -3.72 9.30
CA ASP C 194 10.32 -2.95 8.24
C ASP C 194 11.83 -3.17 8.34
N GLY C 195 12.27 -4.34 7.88
CA GLY C 195 13.67 -4.69 8.02
C GLY C 195 13.99 -6.01 7.38
N TRP C 196 15.25 -6.40 7.51
CA TRP C 196 15.81 -7.56 6.84
C TRP C 196 16.30 -8.57 7.87
N THR C 197 16.73 -9.73 7.38
CA THR C 197 17.39 -10.72 8.23
C THR C 197 18.87 -10.43 8.36
N GLN C 198 19.56 -10.30 7.24
CA GLN C 198 20.99 -10.06 7.25
C GLN C 198 21.31 -8.59 7.52
N PHE C 199 22.50 -8.36 8.06
CA PHE C 199 22.96 -7.01 8.34
C PHE C 199 23.41 -6.29 7.08
N SER C 200 23.65 -7.03 6.00
CA SER C 200 24.05 -6.46 4.71
C SER C 200 22.87 -5.94 3.90
N ARG C 201 21.65 -6.05 4.44
CA ARG C 201 20.41 -5.59 3.82
C ARG C 201 20.18 -6.25 2.45
N ASN C 202 20.55 -7.52 2.36
CA ASN C 202 20.26 -8.37 1.21
C ASN C 202 19.36 -9.50 1.65
N GLY C 203 18.87 -10.27 0.69
CA GLY C 203 18.05 -11.41 1.02
C GLY C 203 16.59 -11.05 1.22
N VAL C 204 15.96 -11.60 2.26
CA VAL C 204 14.53 -11.44 2.47
C VAL C 204 14.25 -10.15 3.21
N TYR C 205 13.00 -9.73 3.18
CA TYR C 205 12.57 -8.46 3.74
C TYR C 205 11.13 -8.60 4.19
N GLY C 206 10.83 -8.19 5.43
CA GLY C 206 9.47 -8.09 5.89
C GLY C 206 9.21 -8.97 7.10
N ILE C 207 7.96 -9.39 7.24
CA ILE C 207 7.50 -10.09 8.43
C ILE C 207 7.94 -11.54 8.47
N ASN C 208 8.44 -12.09 7.36
CA ASN C 208 8.87 -13.49 7.36
C ASN C 208 10.17 -13.71 8.14
N THR C 209 10.87 -12.64 8.52
CA THR C 209 12.12 -12.81 9.27
C THR C 209 11.84 -13.19 10.71
N LEU C 210 10.65 -12.87 11.22
CA LEU C 210 10.32 -13.09 12.62
C LEU C 210 9.40 -14.29 12.83
N ASN C 211 9.09 -15.05 11.79
CA ASN C 211 8.17 -16.18 11.91
C ASN C 211 8.97 -17.46 12.10
N ASN C 212 9.09 -17.90 13.35
CA ASN C 212 9.80 -19.12 13.70
C ASN C 212 9.00 -19.91 14.73
N MET C 213 7.71 -20.13 14.45
CA MET C 213 6.80 -20.65 15.48
C MET C 213 6.80 -22.18 15.52
N GLY C 214 7.16 -22.84 14.43
CA GLY C 214 7.27 -24.29 14.42
C GLY C 214 6.41 -24.93 13.34
N THR C 215 6.27 -26.24 13.45
CA THR C 215 5.55 -27.05 12.49
C THR C 215 4.59 -27.98 13.23
N LEU C 216 3.51 -28.37 12.56
CA LEU C 216 2.46 -29.20 13.13
C LEU C 216 2.20 -30.37 12.19
N TYR C 217 2.33 -31.59 12.70
CA TYR C 217 2.21 -32.80 11.91
C TYR C 217 0.94 -33.56 12.27
N MET C 218 0.38 -34.28 11.30
CA MET C 218 -0.90 -34.98 11.47
C MET C 218 -0.84 -36.33 10.77
N ARG C 219 -1.42 -37.36 11.39
CA ARG C 219 -1.40 -38.70 10.81
C ARG C 219 -2.57 -39.54 11.33
N HIS C 220 -2.78 -40.66 10.66
CA HIS C 220 -3.66 -41.73 11.15
C HIS C 220 -2.85 -42.67 12.02
N VAL C 221 -3.34 -42.95 13.22
CA VAL C 221 -2.65 -43.91 14.08
C VAL C 221 -3.03 -45.34 13.69
N ASN C 222 -4.24 -45.54 13.18
CA ASN C 222 -4.70 -46.86 12.78
C ASN C 222 -3.97 -47.35 11.53
N GLU C 223 -3.99 -48.67 11.34
CA GLU C 223 -3.47 -49.25 10.11
C GLU C 223 -4.51 -49.18 9.00
N ALA C 224 -4.05 -49.32 7.77
CA ALA C 224 -4.91 -49.24 6.60
C ALA C 224 -5.48 -50.63 6.33
N GLY C 225 -6.72 -50.86 6.73
CA GLY C 225 -7.28 -52.19 6.64
C GLY C 225 -7.68 -52.71 5.27
N GLN C 226 -8.79 -52.22 4.72
CA GLN C 226 -9.34 -52.79 3.50
C GLN C 226 -9.79 -51.75 2.48
N GLY C 227 -10.10 -50.53 2.89
CA GLY C 227 -10.35 -49.45 1.98
C GLY C 227 -9.64 -48.20 2.48
N PRO C 228 -9.24 -47.33 1.56
CA PRO C 228 -8.57 -46.10 1.98
C PRO C 228 -9.54 -45.11 2.62
N ILE C 229 -8.97 -44.17 3.36
CA ILE C 229 -9.71 -43.16 4.11
C ILE C 229 -8.94 -41.85 3.99
N LYS C 230 -9.63 -40.78 3.59
CA LYS C 230 -9.02 -39.47 3.45
C LYS C 230 -9.57 -38.55 4.53
N SER C 231 -8.68 -38.04 5.38
CA SER C 231 -9.07 -37.22 6.52
C SER C 231 -8.64 -35.78 6.31
N THR C 232 -9.40 -34.87 6.89
CA THR C 232 -9.14 -33.43 6.82
C THR C 232 -9.24 -32.84 8.22
N VAL C 233 -8.27 -32.01 8.58
CA VAL C 233 -8.23 -31.39 9.91
C VAL C 233 -8.20 -29.88 9.75
N ARG C 234 -9.16 -29.20 10.37
CA ARG C 234 -9.24 -27.75 10.35
C ARG C 234 -8.74 -27.19 11.67
N ILE C 235 -8.00 -26.09 11.59
CA ILE C 235 -7.31 -25.51 12.74
C ILE C 235 -7.95 -24.18 13.05
N TYR C 236 -8.24 -23.93 14.34
CA TYR C 236 -8.94 -22.74 14.78
C TYR C 236 -8.13 -22.03 15.86
N PHE C 237 -7.95 -20.72 15.70
CA PHE C 237 -7.21 -19.89 16.63
C PHE C 237 -8.16 -18.99 17.41
N LYS C 238 -7.88 -18.75 18.68
CA LYS C 238 -8.70 -17.89 19.52
C LYS C 238 -7.82 -17.11 20.49
N PRO C 239 -7.57 -15.82 20.23
CA PRO C 239 -6.73 -15.03 21.13
C PRO C 239 -7.42 -14.70 22.45
N LYS C 240 -6.75 -15.04 23.56
CA LYS C 240 -7.22 -14.67 24.89
C LYS C 240 -6.19 -13.77 25.56
N HIS C 241 -6.68 -12.96 26.51
CA HIS C 241 -5.87 -12.07 27.35
C HIS C 241 -5.05 -11.10 26.50
N VAL C 242 -5.76 -10.34 25.67
CA VAL C 242 -5.17 -9.61 24.55
C VAL C 242 -4.73 -8.22 25.01
N LYS C 243 -3.51 -7.84 24.63
CA LYS C 243 -3.05 -6.46 24.69
C LYS C 243 -2.63 -6.03 23.29
N ALA C 244 -2.93 -4.79 22.92
CA ALA C 244 -2.67 -4.30 21.59
C ALA C 244 -2.14 -2.88 21.64
N TRP C 245 -1.16 -2.57 20.79
CA TRP C 245 -0.52 -1.28 20.74
C TRP C 245 -0.47 -0.77 19.30
N VAL C 246 -0.41 0.57 19.17
CA VAL C 246 -0.19 1.32 17.93
C VAL C 246 -1.20 0.94 16.84
N PRO C 247 -2.43 1.45 16.90
CA PRO C 247 -3.42 1.15 15.86
C PRO C 247 -3.01 1.69 14.50
N ARG C 248 -3.70 1.19 13.47
CA ARG C 248 -3.18 1.19 12.13
C ARG C 248 -4.38 1.15 11.19
N PRO C 249 -4.30 1.78 10.01
CA PRO C 249 -5.47 1.80 9.14
C PRO C 249 -5.74 0.43 8.54
N PRO C 250 -7.01 0.08 8.33
CA PRO C 250 -7.34 -1.26 7.86
C PRO C 250 -7.01 -1.45 6.39
N ARG C 251 -6.82 -2.70 6.02
CA ARG C 251 -6.32 -3.05 4.70
C ARG C 251 -7.39 -2.81 3.63
N LEU C 252 -7.02 -2.10 2.58
CA LEU C 252 -7.94 -1.76 1.50
C LEU C 252 -7.84 -2.75 0.34
N CYS C 253 -6.63 -2.96 -0.17
CA CYS C 253 -6.44 -3.85 -1.31
C CYS C 253 -6.53 -5.31 -0.86
N GLN C 254 -6.79 -6.18 -1.81
CA GLN C 254 -6.86 -7.61 -1.50
C GLN C 254 -5.46 -8.17 -1.28
N TYR C 255 -5.38 -9.20 -0.44
CA TYR C 255 -4.09 -9.83 -0.17
C TYR C 255 -3.67 -10.68 -1.35
N GLU C 256 -2.38 -10.74 -1.61
CA GLU C 256 -1.83 -11.52 -2.70
C GLU C 256 -0.95 -12.67 -2.22
N LYS C 257 -0.02 -12.40 -1.32
CA LYS C 257 0.95 -13.38 -0.87
C LYS C 257 0.82 -13.56 0.64
N GLN C 258 1.65 -14.45 1.18
CA GLN C 258 1.65 -14.77 2.59
C GLN C 258 2.80 -14.10 3.34
N LYS C 259 3.95 -13.97 2.69
CA LYS C 259 5.15 -13.50 3.38
C LYS C 259 5.31 -11.98 3.38
N ASN C 260 4.54 -11.26 2.59
CA ASN C 260 4.76 -9.82 2.47
C ASN C 260 3.43 -9.11 2.25
N VAL C 261 3.52 -7.81 1.97
CA VAL C 261 2.36 -6.92 1.91
C VAL C 261 2.11 -6.45 0.49
N ASN C 262 2.50 -7.25 -0.50
CA ASN C 262 2.38 -6.87 -1.90
C ASN C 262 0.91 -6.80 -2.32
N PHE C 263 0.63 -5.88 -3.23
CA PHE C 263 -0.74 -5.56 -3.60
C PHE C 263 -0.74 -5.01 -5.02
N SER C 264 -1.90 -5.04 -5.64
CA SER C 264 -2.12 -4.25 -6.84
C SER C 264 -3.09 -3.13 -6.54
N PRO C 265 -2.80 -1.90 -6.98
CA PRO C 265 -3.52 -0.73 -6.47
C PRO C 265 -4.97 -0.68 -6.89
N ILE C 266 -5.77 -0.01 -6.05
CA ILE C 266 -7.22 0.07 -6.20
C ILE C 266 -7.66 1.44 -5.72
N GLY C 267 -8.85 1.86 -6.16
CA GLY C 267 -9.37 3.15 -5.77
C GLY C 267 -9.77 3.20 -4.31
N VAL C 268 -9.91 4.41 -3.78
CA VAL C 268 -10.11 4.56 -2.34
C VAL C 268 -11.55 4.22 -1.94
N THR C 269 -12.52 4.46 -2.82
CA THR C 269 -13.89 4.00 -2.65
C THR C 269 -14.42 3.56 -4.01
N THR C 270 -15.69 3.22 -4.04
CA THR C 270 -16.39 3.12 -5.32
C THR C 270 -16.95 4.48 -5.69
N SER C 271 -17.32 4.63 -6.94
CA SER C 271 -17.66 5.94 -7.48
C SER C 271 -19.17 6.13 -7.57
N ARG C 272 -19.58 7.40 -7.56
CA ARG C 272 -20.94 7.81 -7.87
C ARG C 272 -20.90 8.76 -9.06
N THR C 273 -22.08 9.21 -9.49
CA THR C 273 -22.18 9.94 -10.75
C THR C 273 -22.00 11.44 -10.59
N ASP C 274 -22.03 11.97 -9.37
CA ASP C 274 -21.99 13.40 -9.16
C ASP C 274 -21.40 13.67 -7.78
N ILE C 275 -21.28 14.95 -7.43
CA ILE C 275 -20.92 15.33 -6.07
C ILE C 275 -22.16 15.67 -5.25
N ILE C 276 -23.29 15.96 -5.89
CA ILE C 276 -24.53 16.28 -5.21
C ILE C 276 -25.52 15.14 -5.22
N THR C 277 -25.18 14.00 -5.83
CA THR C 277 -26.13 12.91 -5.95
C THR C 277 -26.23 12.12 -4.65
N THR C 278 -27.44 11.68 -4.34
CA THR C 278 -27.70 10.93 -3.12
C THR C 278 -28.24 9.54 -3.44
N SER D 10 2.57 34.61 22.35
CA SER D 10 1.66 34.15 21.32
C SER D 10 1.65 32.62 21.23
N ASP D 11 0.56 32.07 20.71
CA ASP D 11 0.43 30.65 20.49
C ASP D 11 1.04 30.21 19.15
N ARG D 12 1.60 31.15 18.40
CA ARG D 12 2.13 30.86 17.07
C ARG D 12 3.64 30.89 17.01
N VAL D 13 4.34 31.01 18.14
CA VAL D 13 5.79 31.04 18.17
C VAL D 13 6.30 29.87 19.01
N ARG D 14 7.40 29.27 18.56
CA ARG D 14 8.15 28.29 19.34
C ARG D 14 9.63 28.65 19.29
N SER D 15 10.39 27.95 20.12
CA SER D 15 11.85 27.98 20.05
C SER D 15 12.33 26.67 20.65
N ILE D 16 13.00 25.85 19.86
CA ILE D 16 13.45 24.53 20.28
C ILE D 16 14.96 24.52 20.29
N THR D 17 15.55 24.19 21.44
CA THR D 17 16.99 24.19 21.64
C THR D 17 17.46 22.78 21.94
N LEU D 18 18.42 22.29 21.17
CA LEU D 18 18.95 20.94 21.35
C LEU D 18 20.42 20.94 20.94
N GLY D 19 21.32 20.80 21.91
CA GLY D 19 22.73 20.81 21.60
C GLY D 19 23.23 22.20 21.35
N ASN D 20 23.87 22.42 20.21
CA ASN D 20 24.33 23.74 19.80
C ASN D 20 23.50 24.27 18.63
N SER D 21 22.22 23.94 18.60
CA SER D 21 21.34 24.33 17.51
C SER D 21 20.01 24.81 18.06
N THR D 22 19.42 25.78 17.36
CA THR D 22 18.14 26.38 17.76
C THR D 22 17.27 26.53 16.53
N ILE D 23 15.98 26.24 16.69
CA ILE D 23 14.98 26.40 15.64
C ILE D 23 13.97 27.43 16.13
N THR D 24 13.76 28.49 15.35
CA THR D 24 12.76 29.49 15.65
C THR D 24 11.67 29.48 14.59
N THR D 25 10.43 29.69 15.02
CA THR D 25 9.31 29.77 14.11
C THR D 25 8.39 30.89 14.56
N GLN D 26 7.63 31.44 13.62
CA GLN D 26 6.72 32.53 13.91
C GLN D 26 5.30 32.31 13.43
N GLU D 27 5.05 31.29 12.62
CA GLU D 27 3.70 30.80 12.37
C GLU D 27 3.75 29.29 12.54
N CYS D 28 2.93 28.78 13.46
CA CYS D 28 2.95 27.35 13.75
C CYS D 28 1.64 26.96 14.43
N ALA D 29 1.35 25.68 14.35
CA ALA D 29 0.34 25.05 15.18
C ALA D 29 1.02 24.63 16.48
N ASN D 30 0.40 23.77 17.29
CA ASN D 30 1.14 23.26 18.43
C ASN D 30 2.16 22.22 17.96
N VAL D 31 2.86 21.63 18.90
CA VAL D 31 3.69 20.47 18.58
C VAL D 31 2.92 19.23 19.01
N VAL D 32 3.04 18.17 18.21
CA VAL D 32 2.41 16.90 18.50
C VAL D 32 3.46 16.02 19.14
N VAL D 33 3.18 15.57 20.36
CA VAL D 33 4.08 14.66 21.06
C VAL D 33 3.48 13.26 20.97
N GLY D 34 4.00 12.49 20.02
CA GLY D 34 3.98 11.03 20.03
C GLY D 34 2.62 10.41 20.16
N TYR D 35 2.53 9.41 21.03
CA TYR D 35 1.28 8.88 21.53
C TYR D 35 0.99 9.40 22.93
N GLY D 36 1.41 10.62 23.21
CA GLY D 36 1.27 11.22 24.51
C GLY D 36 2.49 11.15 25.39
N VAL D 37 3.51 10.38 25.00
CA VAL D 37 4.69 10.17 25.82
C VAL D 37 5.89 10.82 25.16
N TRP D 38 6.82 11.28 26.00
CA TRP D 38 8.07 12.00 25.76
C TRP D 38 9.23 11.03 25.74
N PRO D 39 10.25 11.27 24.90
CA PRO D 39 11.40 10.36 24.86
C PRO D 39 12.21 10.39 26.15
N GLU D 40 12.51 9.21 26.67
CA GLU D 40 13.32 9.05 27.87
C GLU D 40 14.33 7.92 27.64
N TYR D 41 15.10 7.62 28.68
CA TYR D 41 16.12 6.57 28.62
C TYR D 41 15.54 5.24 29.07
N LEU D 42 16.31 4.18 28.85
CA LEU D 42 15.87 2.83 29.21
C LEU D 42 16.12 2.57 30.69
N LYS D 43 15.11 2.01 31.36
CA LYS D 43 15.19 1.78 32.79
C LYS D 43 15.79 0.40 33.08
N ASP D 44 16.11 0.18 34.35
CA ASP D 44 16.72 -1.08 34.77
C ASP D 44 15.72 -2.23 34.79
N ASN D 45 14.43 -1.95 34.88
CA ASN D 45 13.42 -3.00 34.84
C ASN D 45 13.30 -3.59 33.45
N GLU D 46 13.51 -2.77 32.41
CA GLU D 46 13.18 -3.14 31.05
C GLU D 46 14.40 -3.49 30.21
N ALA D 47 15.60 -3.34 30.75
CA ALA D 47 16.81 -3.61 29.99
C ALA D 47 17.05 -5.12 29.90
N THR D 48 17.80 -5.52 28.87
CA THR D 48 18.22 -6.91 28.74
C THR D 48 19.73 -7.03 28.53
N ALA D 49 20.34 -6.08 27.82
CA ALA D 49 21.78 -6.12 27.57
C ALA D 49 22.52 -5.67 28.81
N GLU D 50 23.64 -6.32 29.10
CA GLU D 50 24.25 -6.23 30.42
C GLU D 50 25.40 -5.24 30.50
N ASP D 51 26.04 -4.89 29.40
CA ASP D 51 27.14 -3.94 29.47
C ASP D 51 26.60 -2.53 29.57
N GLN D 52 27.50 -1.60 29.82
CA GLN D 52 27.07 -0.22 30.07
C GLN D 52 26.84 0.50 28.75
N PRO D 53 25.72 1.19 28.58
CA PRO D 53 25.51 1.99 27.39
C PRO D 53 26.33 3.26 27.42
N THR D 54 26.56 3.82 26.23
CA THR D 54 27.18 5.13 26.09
C THR D 54 26.09 6.14 25.77
N GLN D 55 26.27 7.36 26.27
CA GLN D 55 25.28 8.43 26.13
C GLN D 55 26.03 9.73 25.86
N PRO D 56 26.29 10.05 24.59
CA PRO D 56 27.06 11.27 24.27
C PRO D 56 26.28 12.56 24.46
N ASP D 57 25.01 12.55 24.04
CA ASP D 57 23.89 13.43 24.40
C ASP D 57 23.98 14.91 23.99
N VAL D 58 25.11 15.35 23.45
CA VAL D 58 25.16 16.64 22.76
C VAL D 58 25.84 16.54 21.41
N ALA D 59 26.67 15.54 21.18
CA ALA D 59 27.28 15.32 19.89
C ALA D 59 26.32 14.63 18.92
N THR D 60 25.31 13.95 19.45
CA THR D 60 24.34 13.24 18.62
C THR D 60 22.93 13.81 18.71
N CYS D 61 22.57 14.45 19.82
CA CYS D 61 21.22 14.97 20.01
C CYS D 61 21.19 16.44 19.63
N ARG D 62 21.10 16.69 18.33
CA ARG D 62 21.15 18.03 17.76
C ARG D 62 20.46 17.97 16.40
N PHE D 63 20.14 19.14 15.86
CA PHE D 63 19.33 19.22 14.65
C PHE D 63 20.19 19.02 13.40
N TYR D 64 19.92 17.95 12.65
CA TYR D 64 20.55 17.69 11.38
C TYR D 64 19.58 17.99 10.26
N THR D 65 20.00 18.80 9.30
CA THR D 65 19.15 19.23 8.20
C THR D 65 19.43 18.38 6.96
N LEU D 66 18.36 17.89 6.33
CA LEU D 66 18.46 16.99 5.20
C LEU D 66 18.48 17.79 3.90
N GLU D 67 18.42 17.08 2.77
CA GLU D 67 18.35 17.73 1.47
C GLU D 67 16.97 18.36 1.27
N SER D 68 16.94 19.47 0.55
CA SER D 68 15.67 20.10 0.20
C SER D 68 15.13 19.52 -1.10
N VAL D 69 13.81 19.45 -1.19
CA VAL D 69 13.10 19.03 -2.39
C VAL D 69 12.23 20.18 -2.85
N GLN D 70 11.92 20.20 -4.13
CA GLN D 70 11.08 21.24 -4.70
C GLN D 70 9.64 20.76 -4.80
N TRP D 71 8.72 21.51 -4.21
CA TRP D 71 7.30 21.28 -4.38
C TRP D 71 6.89 21.84 -5.74
N MET D 72 6.71 20.96 -6.70
CA MET D 72 6.18 21.36 -8.00
C MET D 72 4.67 21.22 -8.00
N LYS D 73 4.05 21.68 -9.09
CA LYS D 73 2.59 21.63 -9.17
C LYS D 73 2.09 20.20 -9.35
N ASN D 74 2.78 19.40 -10.15
CA ASN D 74 2.45 17.99 -10.32
C ASN D 74 3.27 17.08 -9.42
N SER D 75 3.32 17.38 -8.12
CA SER D 75 4.05 16.55 -7.17
C SER D 75 3.08 15.63 -6.44
N ALA D 76 3.59 14.46 -6.06
CA ALA D 76 2.76 13.44 -5.43
C ALA D 76 3.14 13.16 -3.99
N GLY D 77 4.40 13.29 -3.62
CA GLY D 77 4.79 13.05 -2.24
C GLY D 77 6.20 12.53 -2.15
N TRP D 78 6.71 12.49 -0.92
CA TRP D 78 8.08 12.09 -0.61
C TRP D 78 8.07 11.25 0.65
N TRP D 79 9.13 10.46 0.87
CA TRP D 79 9.25 9.80 2.16
C TRP D 79 10.72 9.62 2.55
N TRP D 80 10.95 9.57 3.86
CA TRP D 80 12.25 9.27 4.46
C TRP D 80 12.03 8.15 5.49
N LYS D 81 13.11 7.50 5.92
CA LYS D 81 12.95 6.38 6.85
C LYS D 81 13.39 6.73 8.27
N LEU D 82 14.53 7.40 8.40
CA LEU D 82 15.15 8.07 9.55
C LEU D 82 15.45 7.28 10.83
N PRO D 83 15.87 6.02 10.75
CA PRO D 83 17.17 5.70 11.37
C PRO D 83 18.25 5.74 10.33
N ASP D 84 17.83 5.73 9.06
CA ASP D 84 18.74 5.57 7.93
C ASP D 84 19.11 6.91 7.32
N ALA D 85 18.24 7.91 7.49
CA ALA D 85 18.51 9.24 6.93
C ALA D 85 19.67 9.91 7.64
N LEU D 86 19.87 9.60 8.92
CA LEU D 86 20.99 10.13 9.69
C LEU D 86 22.12 9.12 9.84
N SER D 87 22.34 8.26 8.85
CA SER D 87 23.38 7.25 8.99
C SER D 87 24.73 7.79 8.57
N GLN D 88 24.76 8.96 7.93
CA GLN D 88 26.00 9.63 7.56
C GLN D 88 26.12 11.00 8.20
N MET D 89 25.29 11.31 9.18
CA MET D 89 25.19 12.66 9.74
C MET D 89 25.99 12.74 11.02
N GLY D 90 27.25 13.16 10.91
CA GLY D 90 28.01 13.56 12.08
C GLY D 90 28.42 12.39 12.95
N LEU D 91 28.37 12.62 14.26
CA LEU D 91 28.68 11.59 15.24
C LEU D 91 27.49 10.75 15.63
N PHE D 92 26.30 11.04 15.09
CA PHE D 92 25.20 10.08 15.19
C PHE D 92 25.43 8.91 14.26
N GLY D 93 25.89 9.18 13.04
CA GLY D 93 26.16 8.13 12.09
C GLY D 93 27.40 7.34 12.39
N GLN D 94 28.32 7.89 13.18
CA GLN D 94 29.52 7.16 13.56
C GLN D 94 29.30 6.26 14.76
N ASN D 95 28.35 6.61 15.63
CA ASN D 95 28.01 5.70 16.72
C ASN D 95 27.17 4.53 16.24
N MET D 96 26.46 4.69 15.12
CA MET D 96 25.69 3.60 14.55
C MET D 96 26.59 2.53 13.95
N GLN D 97 27.78 2.92 13.52
CA GLN D 97 28.68 1.99 12.84
C GLN D 97 29.47 1.15 13.83
N TYR D 98 29.86 1.72 14.96
CA TYR D 98 30.70 1.02 15.91
C TYR D 98 29.92 0.20 16.93
N HIS D 99 28.60 0.35 16.99
CA HIS D 99 27.79 -0.33 17.97
C HIS D 99 26.81 -1.28 17.30
N TYR D 100 26.38 -2.28 18.05
CA TYR D 100 25.45 -3.29 17.58
C TYR D 100 24.00 -2.95 17.91
N LEU D 101 23.75 -2.35 19.06
CA LEU D 101 22.41 -1.95 19.46
C LEU D 101 22.33 -0.45 19.59
N GLY D 102 21.10 0.06 19.57
CA GLY D 102 20.86 1.48 19.78
C GLY D 102 19.38 1.79 19.85
N ARG D 103 19.01 2.77 20.66
CA ARG D 103 17.63 3.22 20.74
C ARG D 103 17.61 4.73 20.89
N THR D 104 16.55 5.35 20.34
CA THR D 104 16.47 6.80 20.24
C THR D 104 15.05 7.23 19.92
N GLY D 105 14.69 8.43 20.37
CA GLY D 105 13.48 9.09 19.94
C GLY D 105 13.88 10.29 19.10
N TYR D 106 12.91 10.94 18.44
CA TYR D 106 13.24 12.02 17.51
C TYR D 106 12.34 13.22 17.76
N THR D 107 12.75 14.34 17.17
CA THR D 107 11.88 15.49 16.95
C THR D 107 12.09 15.97 15.53
N ILE D 108 11.00 16.07 14.78
CA ILE D 108 11.03 16.32 13.34
C ILE D 108 10.40 17.66 13.08
N HIS D 109 11.10 18.53 12.35
CA HIS D 109 10.62 19.88 12.04
C HIS D 109 10.63 20.06 10.53
N VAL D 110 9.46 19.88 9.92
CA VAL D 110 9.28 20.13 8.49
C VAL D 110 8.90 21.59 8.32
N GLN D 111 9.54 22.28 7.39
CA GLN D 111 9.33 23.71 7.20
C GLN D 111 9.16 24.05 5.72
N CYS D 112 8.12 24.80 5.42
CA CYS D 112 7.79 25.20 4.05
C CYS D 112 7.02 26.50 4.11
N ASN D 113 7.58 27.56 3.52
CA ASN D 113 6.93 28.86 3.53
C ASN D 113 6.49 29.25 2.13
N ALA D 114 5.42 30.02 2.07
CA ALA D 114 4.95 30.68 0.86
C ALA D 114 4.24 31.96 1.28
N SER D 115 3.83 32.74 0.29
CA SER D 115 3.25 34.06 0.56
C SER D 115 1.77 33.93 0.90
N LYS D 116 1.09 35.07 0.96
CA LYS D 116 -0.37 35.12 1.14
C LYS D 116 -1.12 34.88 -0.16
N PHE D 117 -0.42 34.68 -1.26
CA PHE D 117 -1.03 34.55 -2.57
C PHE D 117 -0.90 33.14 -3.13
N HIS D 118 -0.28 32.23 -2.39
CA HIS D 118 -0.13 30.83 -2.73
C HIS D 118 -1.15 29.99 -1.96
N GLN D 119 -1.36 28.76 -2.42
CA GLN D 119 -2.28 27.85 -1.76
C GLN D 119 -1.77 26.41 -1.88
N GLY D 120 -2.18 25.59 -0.94
CA GLY D 120 -1.73 24.21 -0.89
C GLY D 120 -1.84 23.66 0.52
N CYS D 121 -1.69 22.35 0.62
CA CYS D 121 -1.81 21.66 1.91
C CYS D 121 -1.02 20.38 1.87
N LEU D 122 -0.22 20.15 2.90
CA LEU D 122 0.59 18.93 3.04
C LEU D 122 0.15 18.17 4.29
N LEU D 123 0.19 16.85 4.21
CA LEU D 123 0.03 15.99 5.38
C LEU D 123 1.40 15.49 5.78
N VAL D 124 1.81 15.80 7.00
CA VAL D 124 3.12 15.43 7.53
C VAL D 124 2.88 14.37 8.60
N VAL D 125 3.06 13.10 8.26
CA VAL D 125 2.75 12.00 9.14
C VAL D 125 4.01 11.17 9.38
N CYS D 126 4.14 10.62 10.59
CA CYS D 126 5.25 9.75 10.97
C CYS D 126 4.69 8.39 11.34
N VAL D 127 4.93 7.39 10.49
CA VAL D 127 4.33 6.07 10.68
C VAL D 127 5.39 5.11 11.20
N PRO D 128 5.06 4.22 12.14
CA PRO D 128 6.00 3.17 12.54
C PRO D 128 5.76 1.84 11.82
N GLU D 129 6.88 1.19 11.47
CA GLU D 129 6.92 -0.11 10.79
C GLU D 129 6.15 -0.10 9.46
N ALA D 130 6.62 0.76 8.56
CA ALA D 130 6.00 0.88 7.24
C ALA D 130 6.65 -0.08 6.27
N GLU D 131 6.10 -1.29 6.19
CA GLU D 131 6.50 -2.19 5.12
C GLU D 131 5.95 -1.67 3.80
N MET D 132 6.83 -1.37 2.86
CA MET D 132 6.40 -0.98 1.53
C MET D 132 6.17 -2.22 0.68
N GLY D 133 5.38 -2.04 -0.38
CA GLY D 133 5.08 -3.12 -1.28
C GLY D 133 5.86 -3.00 -2.58
N CYS D 134 6.05 -4.14 -3.24
CA CYS D 134 6.80 -4.20 -4.49
C CYS D 134 5.84 -4.16 -5.67
N SER D 135 6.38 -3.72 -6.81
CA SER D 135 5.57 -3.63 -8.03
C SER D 135 5.31 -5.00 -8.63
N ASN D 136 6.35 -5.85 -8.68
CA ASN D 136 6.16 -7.25 -9.01
C ASN D 136 5.65 -7.98 -7.77
N LEU D 137 4.56 -8.73 -7.92
CA LEU D 137 3.88 -9.32 -6.78
C LEU D 137 4.60 -10.52 -6.18
N ASN D 138 5.70 -10.96 -6.77
CA ASN D 138 6.45 -12.10 -6.26
C ASN D 138 7.66 -11.72 -5.43
N ASN D 139 8.32 -10.62 -5.75
CA ASN D 139 9.54 -10.22 -5.06
C ASN D 139 9.22 -9.24 -3.94
N THR D 140 10.28 -8.83 -3.23
CA THR D 140 10.34 -7.72 -2.31
C THR D 140 11.29 -6.67 -2.88
N PRO D 141 11.08 -5.38 -2.59
CA PRO D 141 11.94 -4.36 -3.21
C PRO D 141 13.33 -4.36 -2.62
N GLU D 142 14.28 -3.85 -3.40
CA GLU D 142 15.65 -3.78 -2.93
C GLU D 142 15.84 -2.57 -2.02
N PHE D 143 17.03 -2.45 -1.46
CA PHE D 143 17.28 -1.45 -0.43
C PHE D 143 17.30 -0.03 -1.00
N SER D 144 17.89 0.15 -2.18
CA SER D 144 18.01 1.48 -2.75
C SER D 144 16.67 2.03 -3.21
N GLU D 145 15.69 1.18 -3.46
CA GLU D 145 14.35 1.64 -3.78
C GLU D 145 13.58 2.05 -2.53
N LEU D 146 13.93 1.47 -1.37
CA LEU D 146 13.17 1.74 -0.16
C LEU D 146 13.64 3.02 0.52
N SER D 147 14.93 3.31 0.48
CA SER D 147 15.46 4.48 1.16
C SER D 147 16.77 4.91 0.55
N GLY D 148 16.96 6.21 0.41
CA GLY D 148 18.27 6.80 0.22
C GLY D 148 18.67 7.53 1.49
N GLY D 149 19.96 7.58 1.76
CA GLY D 149 20.44 8.37 2.89
C GLY D 149 20.28 9.84 2.58
N ASP D 150 19.60 10.56 3.49
CA ASP D 150 19.25 11.99 3.53
C ASP D 150 18.73 12.57 2.22
N SER D 151 18.15 11.72 1.37
CA SER D 151 17.55 12.14 0.11
C SER D 151 16.21 11.45 -0.02
N ALA D 152 15.22 12.19 -0.51
CA ALA D 152 13.85 11.71 -0.51
C ALA D 152 13.63 10.66 -1.59
N ARG D 153 12.78 9.70 -1.28
CA ARG D 153 12.18 8.81 -2.27
C ARG D 153 10.77 9.28 -2.50
N MET D 154 10.33 9.26 -3.75
CA MET D 154 9.16 10.03 -4.16
C MET D 154 8.04 9.15 -4.69
N PHE D 155 6.81 9.47 -4.26
CA PHE D 155 5.61 8.80 -4.73
C PHE D 155 5.28 9.25 -6.15
N THR D 156 4.35 8.54 -6.77
CA THR D 156 3.90 8.85 -8.13
C THR D 156 2.39 8.90 -8.16
N ASP D 157 1.86 9.64 -9.12
CA ASP D 157 0.42 9.72 -9.32
C ASP D 157 -0.09 8.66 -10.26
N THR D 158 0.77 7.76 -10.73
CA THR D 158 0.40 6.64 -11.58
C THR D 158 0.83 5.35 -10.88
N GLN D 159 0.70 4.24 -11.60
CA GLN D 159 1.01 2.91 -11.08
C GLN D 159 2.29 2.40 -11.73
N VAL D 160 3.19 1.85 -10.90
CA VAL D 160 4.38 1.20 -11.43
C VAL D 160 3.99 -0.15 -12.02
N GLY D 161 4.51 -0.46 -13.20
CA GLY D 161 4.16 -1.70 -13.86
C GLY D 161 4.74 -2.92 -13.17
N GLU D 162 4.17 -4.07 -13.49
CA GLU D 162 4.63 -5.32 -12.90
C GLU D 162 5.84 -5.91 -13.63
N SER D 163 6.27 -5.32 -14.74
CA SER D 163 7.49 -5.75 -15.39
C SER D 163 8.73 -5.30 -14.65
N ASN D 164 8.60 -4.35 -13.72
CA ASN D 164 9.70 -3.93 -12.88
C ASN D 164 9.87 -4.92 -11.75
N ALA D 165 11.04 -5.58 -11.70
CA ALA D 165 11.24 -6.70 -10.79
C ALA D 165 11.33 -6.24 -9.34
N LYS D 166 12.30 -5.38 -9.03
CA LYS D 166 12.53 -4.91 -7.66
C LYS D 166 12.34 -3.41 -7.63
N LYS D 167 11.08 -2.98 -7.47
CA LYS D 167 10.74 -1.56 -7.39
C LYS D 167 9.54 -1.42 -6.47
N VAL D 168 9.50 -0.32 -5.74
CA VAL D 168 8.41 -0.07 -4.81
C VAL D 168 7.19 0.39 -5.58
N GLN D 169 6.02 -0.15 -5.24
CA GLN D 169 4.76 0.31 -5.78
C GLN D 169 4.43 1.68 -5.18
N THR D 170 4.57 2.73 -5.97
CA THR D 170 4.46 4.10 -5.49
C THR D 170 3.21 4.79 -6.02
N ALA D 171 2.08 4.07 -6.07
CA ALA D 171 0.79 4.69 -6.28
C ALA D 171 0.38 5.41 -5.01
N VAL D 172 0.24 6.73 -5.09
CA VAL D 172 0.23 7.56 -3.88
C VAL D 172 -1.06 7.39 -3.08
N TRP D 173 -2.18 7.08 -3.75
CA TRP D 173 -3.45 6.96 -3.05
C TRP D 173 -3.54 5.69 -2.22
N ASN D 174 -2.63 4.73 -2.43
CA ASN D 174 -2.54 3.56 -1.58
C ASN D 174 -1.38 3.65 -0.59
N ALA D 175 -0.66 4.77 -0.58
CA ALA D 175 0.39 5.14 0.37
C ALA D 175 1.57 4.18 0.37
N GLY D 176 1.73 3.35 -0.66
CA GLY D 176 2.78 2.36 -0.70
C GLY D 176 2.56 1.13 0.16
N MET D 177 1.53 1.12 1.01
CA MET D 177 1.28 0.05 1.95
C MET D 177 -0.01 -0.71 1.69
N GLY D 178 -0.74 -0.37 0.63
CA GLY D 178 -1.96 -1.09 0.29
C GLY D 178 -3.10 -0.74 1.20
N VAL D 179 -3.36 0.55 1.37
CA VAL D 179 -4.19 1.06 2.45
C VAL D 179 -4.82 2.36 1.96
N GLY D 180 -5.76 2.91 2.72
CA GLY D 180 -6.35 4.19 2.35
C GLY D 180 -5.47 5.35 2.79
N VAL D 181 -5.19 6.26 1.85
CA VAL D 181 -4.29 7.37 2.16
C VAL D 181 -4.98 8.42 3.03
N GLY D 182 -6.31 8.47 3.02
CA GLY D 182 -7.00 9.38 3.93
C GLY D 182 -7.03 8.89 5.35
N ASN D 183 -6.80 7.61 5.58
CA ASN D 183 -6.81 7.00 6.90
C ASN D 183 -5.47 7.08 7.60
N LEU D 184 -4.50 7.76 7.01
CA LEU D 184 -3.18 7.93 7.62
C LEU D 184 -3.15 8.93 8.74
N THR D 185 -4.29 9.51 9.11
CA THR D 185 -4.40 10.43 10.23
C THR D 185 -4.62 9.71 11.56
N ILE D 186 -4.38 8.40 11.61
CA ILE D 186 -4.41 7.67 12.87
C ILE D 186 -3.03 7.59 13.50
N PHE D 187 -1.98 7.85 12.73
CA PHE D 187 -0.63 8.02 13.26
C PHE D 187 -0.46 9.47 13.69
N PRO D 188 0.55 9.78 14.50
CA PRO D 188 0.80 11.19 14.85
C PRO D 188 1.18 12.01 13.64
N HIS D 189 0.44 13.09 13.42
CA HIS D 189 0.51 13.85 12.18
C HIS D 189 0.21 15.32 12.44
N GLN D 190 0.57 16.15 11.47
CA GLN D 190 0.19 17.56 11.43
C GLN D 190 -0.10 17.90 9.97
N TRP D 191 -0.61 19.11 9.76
CA TRP D 191 -0.83 19.63 8.42
C TRP D 191 -0.06 20.93 8.25
N ILE D 192 0.45 21.16 7.05
CA ILE D 192 0.99 22.46 6.67
C ILE D 192 0.04 23.03 5.64
N ASN D 193 -0.88 23.88 6.09
CA ASN D 193 -1.77 24.63 5.24
C ASN D 193 -1.12 25.99 5.01
N LEU D 194 -0.84 26.32 3.75
CA LEU D 194 -0.13 27.57 3.45
C LEU D 194 -0.94 28.80 3.77
N ARG D 195 -2.26 28.65 3.90
CA ARG D 195 -3.11 29.76 4.33
C ARG D 195 -2.84 30.15 5.77
N THR D 196 -2.67 29.17 6.65
CA THR D 196 -2.52 29.42 8.08
C THR D 196 -1.17 29.02 8.65
N ASN D 197 -0.62 27.89 8.21
CA ASN D 197 0.53 27.27 8.84
C ASN D 197 1.80 27.57 8.07
N ASN D 198 2.93 27.31 8.74
CA ASN D 198 4.24 27.51 8.15
C ASN D 198 5.19 26.35 8.39
N SER D 199 4.97 25.54 9.43
CA SER D 199 5.86 24.45 9.78
C SER D 199 5.08 23.44 10.59
N ALA D 200 5.61 22.22 10.67
CA ALA D 200 5.02 21.15 11.46
C ALA D 200 6.09 20.51 12.31
N THR D 201 5.76 20.25 13.57
CA THR D 201 6.71 19.70 14.53
C THR D 201 6.12 18.47 15.21
N LEU D 202 6.87 17.37 15.20
CA LEU D 202 6.43 16.10 15.73
C LEU D 202 7.52 15.53 16.63
N VAL D 203 7.18 15.22 17.87
CA VAL D 203 8.11 14.63 18.82
C VAL D 203 7.72 13.17 19.03
N MET D 204 8.59 12.26 18.62
CA MET D 204 8.29 10.85 18.62
C MET D 204 9.11 10.11 19.67
N PRO D 205 8.51 9.24 20.47
CA PRO D 205 9.30 8.41 21.39
C PRO D 205 9.89 7.20 20.70
N TYR D 206 10.49 6.30 21.48
CA TYR D 206 10.98 5.04 20.93
C TYR D 206 9.83 4.04 20.91
N ILE D 207 9.48 3.57 19.72
CA ILE D 207 8.41 2.58 19.54
C ILE D 207 9.03 1.34 18.89
N ASN D 208 8.99 0.23 19.60
CA ASN D 208 9.42 -1.07 19.10
C ASN D 208 8.83 -2.13 20.01
N SER D 209 9.03 -3.39 19.65
CA SER D 209 8.60 -4.50 20.48
C SER D 209 9.75 -5.11 21.28
N VAL D 210 10.95 -4.58 21.15
CA VAL D 210 12.14 -5.01 21.88
C VAL D 210 12.78 -3.75 22.46
N PRO D 211 13.53 -3.83 23.58
CA PRO D 211 14.03 -2.60 24.20
C PRO D 211 15.17 -1.92 23.44
N MET D 212 15.89 -2.64 22.59
CA MET D 212 16.94 -2.08 21.76
C MET D 212 16.94 -2.82 20.44
N ASP D 213 17.54 -2.24 19.42
CA ASP D 213 17.52 -2.88 18.11
C ASP D 213 18.73 -2.45 17.31
N ASN D 214 19.03 -3.24 16.28
CA ASN D 214 20.10 -2.90 15.36
C ASN D 214 19.62 -1.82 14.40
N MET D 215 20.37 -0.73 14.31
CA MET D 215 19.94 0.45 13.59
C MET D 215 20.20 0.38 12.10
N PHE D 216 20.84 -0.68 11.61
CA PHE D 216 21.14 -0.79 10.19
C PHE D 216 20.26 -1.76 9.43
N ARG D 217 19.64 -2.73 10.10
CA ARG D 217 18.73 -3.63 9.41
C ARG D 217 17.29 -3.50 9.91
N HIS D 218 16.94 -2.36 10.50
CA HIS D 218 15.56 -2.13 10.92
C HIS D 218 15.30 -0.63 10.98
N ASN D 219 14.42 -0.14 10.09
CA ASN D 219 13.93 1.23 10.13
C ASN D 219 12.57 1.20 10.80
N ASN D 220 12.47 1.70 12.02
CA ASN D 220 11.23 1.61 12.77
C ASN D 220 10.41 2.89 12.70
N LEU D 221 10.72 3.80 11.78
CA LEU D 221 9.89 4.97 11.53
C LEU D 221 9.87 5.21 10.03
N THR D 222 8.99 6.12 9.61
CA THR D 222 8.89 6.57 8.22
C THR D 222 8.13 7.88 8.22
N LEU D 223 8.72 8.93 7.68
CA LEU D 223 8.09 10.22 7.60
C LEU D 223 7.58 10.44 6.17
N MET D 224 6.28 10.64 6.03
CA MET D 224 5.64 10.86 4.75
C MET D 224 5.11 12.28 4.66
N ILE D 225 5.36 12.93 3.54
CA ILE D 225 4.85 14.27 3.25
C ILE D 225 4.09 14.20 1.94
N ILE D 226 2.76 14.38 2.00
CA ILE D 226 1.89 14.12 0.86
C ILE D 226 1.04 15.35 0.59
N PRO D 227 1.06 15.93 -0.61
CA PRO D 227 0.20 17.08 -0.93
C PRO D 227 -1.23 16.66 -1.21
N PHE D 228 -2.11 16.91 -0.25
CA PHE D 228 -3.52 16.58 -0.44
C PHE D 228 -4.21 17.61 -1.31
N VAL D 229 -3.85 18.88 -1.16
CA VAL D 229 -4.30 19.97 -2.02
C VAL D 229 -3.07 20.49 -2.75
N PRO D 230 -3.04 20.51 -4.08
CA PRO D 230 -1.81 20.81 -4.80
C PRO D 230 -1.43 22.28 -4.74
N LEU D 231 -0.17 22.54 -5.04
CA LEU D 231 0.34 23.91 -5.05
C LEU D 231 -0.21 24.67 -6.24
N ASN D 232 -0.64 25.90 -5.99
CA ASN D 232 -1.21 26.74 -7.03
C ASN D 232 -0.92 28.19 -6.70
N TYR D 233 -0.68 28.98 -7.74
CA TYR D 233 -0.40 30.39 -7.63
C TYR D 233 -0.69 31.02 -8.98
N SER D 234 -0.78 32.34 -8.98
CA SER D 234 -1.00 33.05 -10.23
C SER D 234 0.33 33.49 -10.83
N GLU D 235 0.27 33.95 -12.08
CA GLU D 235 1.48 34.29 -12.82
C GLU D 235 2.07 35.60 -12.30
N GLY D 236 3.33 35.54 -11.86
CA GLY D 236 3.97 36.69 -11.26
C GLY D 236 4.56 36.35 -9.91
N SER D 237 3.93 35.41 -9.21
CA SER D 237 4.42 34.96 -7.92
C SER D 237 5.61 34.04 -8.09
N SER D 238 6.25 33.70 -6.98
CA SER D 238 7.47 32.92 -7.01
C SER D 238 7.19 31.47 -7.35
N PRO D 239 7.77 30.91 -8.41
CA PRO D 239 7.47 29.53 -8.78
C PRO D 239 8.23 28.48 -7.99
N TYR D 240 9.31 28.82 -7.31
CA TYR D 240 10.13 27.86 -6.59
C TYR D 240 9.73 27.85 -5.12
N VAL D 241 9.16 26.74 -4.67
CA VAL D 241 8.80 26.55 -3.26
C VAL D 241 9.48 25.28 -2.77
N PRO D 242 10.48 25.37 -1.89
CA PRO D 242 11.12 24.17 -1.36
C PRO D 242 10.52 23.70 -0.04
N ILE D 243 10.83 22.44 0.29
CA ILE D 243 10.44 21.82 1.55
C ILE D 243 11.71 21.30 2.22
N THR D 244 11.90 21.65 3.49
CA THR D 244 13.10 21.29 4.24
C THR D 244 12.72 20.53 5.50
N VAL D 245 13.50 19.50 5.82
CA VAL D 245 13.26 18.63 6.97
C VAL D 245 14.52 18.62 7.81
N THR D 246 14.39 18.99 9.10
CA THR D 246 15.47 18.82 10.07
C THR D 246 15.00 17.88 11.17
N ILE D 247 15.87 16.94 11.54
CA ILE D 247 15.56 15.89 12.51
C ILE D 247 16.63 15.90 13.59
N ALA D 248 16.21 15.87 14.85
CA ALA D 248 17.12 15.80 15.98
C ALA D 248 16.84 14.57 16.83
N PRO D 249 17.82 13.71 17.06
CA PRO D 249 17.61 12.59 17.98
C PRO D 249 17.46 13.05 19.42
N MET D 250 16.72 12.28 20.20
CA MET D 250 16.49 12.61 21.60
C MET D 250 16.67 11.36 22.43
N CYS D 251 17.51 11.46 23.47
CA CYS D 251 17.78 10.41 24.44
C CYS D 251 18.32 9.15 23.77
N ALA D 252 19.41 9.31 23.03
CA ALA D 252 20.00 8.21 22.27
C ALA D 252 21.09 7.53 23.09
N GLU D 253 21.13 6.20 23.01
CA GLU D 253 22.12 5.41 23.72
C GLU D 253 22.43 4.16 22.91
N TYR D 254 23.62 3.61 23.14
CA TYR D 254 24.17 2.55 22.31
C TYR D 254 24.85 1.48 23.16
N ASN D 255 24.64 0.21 22.79
CA ASN D 255 25.28 -0.94 23.41
C ASN D 255 25.99 -1.75 22.35
N GLY D 256 26.95 -2.57 22.79
CA GLY D 256 27.59 -3.53 21.93
C GLY D 256 28.69 -3.00 21.04
N LEU D 257 29.73 -2.45 21.65
CA LEU D 257 30.81 -1.83 20.89
C LEU D 257 31.74 -2.88 20.29
N ARG D 258 32.01 -2.74 19.00
CA ARG D 258 32.81 -3.69 18.22
C ARG D 258 33.54 -2.90 17.14
N LEU D 259 33.98 -3.58 16.09
CA LEU D 259 34.62 -2.93 14.96
C LEU D 259 33.60 -2.15 14.13
N ALA D 260 34.09 -1.47 13.10
CA ALA D 260 33.36 -0.33 12.53
C ALA D 260 32.29 -0.71 11.53
N SER D 261 32.32 -1.93 11.00
CA SER D 261 31.43 -2.41 9.92
C SER D 261 31.41 -1.51 8.69
N GLY E 1 -18.28 -42.34 42.62
CA GLY E 1 -19.16 -42.17 41.49
C GLY E 1 -20.32 -41.22 41.74
N LEU E 2 -20.08 -39.92 41.58
CA LEU E 2 -21.13 -38.93 41.76
C LEU E 2 -22.11 -38.99 40.59
N PRO E 3 -23.41 -39.12 40.84
CA PRO E 3 -24.39 -39.25 39.74
C PRO E 3 -24.63 -37.92 39.05
N VAL E 4 -24.32 -37.85 37.76
CA VAL E 4 -24.54 -36.64 36.97
C VAL E 4 -25.46 -36.96 35.80
N MET E 5 -25.81 -35.95 35.02
CA MET E 5 -26.74 -36.11 33.91
C MET E 5 -26.43 -35.05 32.87
N THR E 6 -25.97 -35.46 31.69
CA THR E 6 -25.52 -34.52 30.68
C THR E 6 -26.69 -33.94 29.90
N THR E 7 -26.66 -32.63 29.70
CA THR E 7 -27.72 -31.83 29.12
C THR E 7 -27.47 -31.62 27.63
N PRO E 8 -28.46 -31.13 26.87
CA PRO E 8 -28.18 -30.74 25.48
C PRO E 8 -27.18 -29.61 25.39
N GLY E 9 -26.40 -29.63 24.30
CA GLY E 9 -25.26 -28.76 24.18
C GLY E 9 -23.96 -29.38 24.63
N SER E 10 -23.93 -30.69 24.83
CA SER E 10 -22.72 -31.37 25.23
C SER E 10 -21.96 -31.81 24.00
N THR E 11 -20.62 -31.75 24.08
CA THR E 11 -19.68 -32.10 23.02
C THR E 11 -19.95 -31.31 21.74
N GLN E 12 -20.18 -30.01 21.89
CA GLN E 12 -20.36 -29.10 20.76
C GLN E 12 -19.25 -28.07 20.77
N PHE E 13 -18.99 -27.51 19.60
CA PHE E 13 -17.99 -26.46 19.44
C PHE E 13 -18.71 -25.22 18.95
N LEU E 14 -19.11 -24.38 19.88
CA LEU E 14 -19.60 -23.05 19.60
C LEU E 14 -18.42 -22.10 19.63
N THR E 15 -18.24 -21.32 18.56
CA THR E 15 -16.99 -20.58 18.39
C THR E 15 -16.91 -19.31 19.24
N SER E 16 -17.81 -19.09 20.18
CA SER E 16 -17.75 -17.92 21.06
C SER E 16 -18.07 -18.31 22.50
N ASP E 17 -17.48 -19.40 22.98
CA ASP E 17 -17.65 -19.83 24.36
C ASP E 17 -16.43 -19.49 25.20
N ASP E 18 -16.61 -19.52 26.52
CA ASP E 18 -15.55 -19.17 27.48
C ASP E 18 -15.37 -20.32 28.45
N PHE E 19 -14.46 -21.23 28.13
CA PHE E 19 -14.16 -22.36 28.99
C PHE E 19 -12.66 -22.40 29.26
N GLN E 20 -12.29 -23.15 30.29
CA GLN E 20 -10.89 -23.40 30.59
C GLN E 20 -10.43 -24.66 29.90
N SER E 21 -9.18 -24.66 29.47
CA SER E 21 -8.60 -25.76 28.72
C SER E 21 -7.20 -26.02 29.27
N PRO E 22 -6.73 -27.28 29.23
CA PRO E 22 -5.41 -27.57 29.79
C PRO E 22 -4.29 -27.02 28.91
N SER E 23 -3.27 -26.50 29.57
CA SER E 23 -2.14 -25.90 28.86
C SER E 23 -1.25 -26.97 28.26
N ALA E 24 -0.79 -26.74 27.04
CA ALA E 24 0.05 -27.72 26.36
C ALA E 24 1.50 -27.64 26.79
N MET E 25 1.96 -26.47 27.23
CA MET E 25 3.33 -26.25 27.67
C MET E 25 3.30 -25.79 29.12
N PRO E 26 3.36 -26.72 30.08
CA PRO E 26 3.21 -26.34 31.48
C PRO E 26 4.45 -25.67 32.05
N GLN E 27 4.21 -24.69 32.93
CA GLN E 27 5.24 -23.90 33.63
C GLN E 27 6.13 -23.15 32.66
N PHE E 28 5.56 -22.67 31.56
CA PHE E 28 6.30 -21.86 30.62
C PHE E 28 6.47 -20.44 31.16
N ASP E 29 7.67 -19.91 31.04
CA ASP E 29 8.02 -18.60 31.59
C ASP E 29 8.00 -17.57 30.48
N VAL E 30 7.00 -16.70 30.49
CA VAL E 30 6.81 -15.75 29.40
C VAL E 30 7.79 -14.60 29.53
N THR E 31 7.96 -13.86 28.44
CA THR E 31 8.79 -12.68 28.44
C THR E 31 8.12 -11.59 29.25
N PRO E 32 8.86 -10.85 30.08
CA PRO E 32 8.24 -9.78 30.87
C PRO E 32 7.72 -8.65 30.00
N GLU E 33 6.75 -7.91 30.54
CA GLU E 33 6.07 -6.89 29.78
C GLU E 33 6.93 -5.64 29.65
N MET E 34 6.66 -4.88 28.60
CA MET E 34 7.34 -3.63 28.33
C MET E 34 6.30 -2.53 28.24
N GLN E 35 6.73 -1.29 28.39
CA GLN E 35 5.86 -0.14 28.18
C GLN E 35 6.02 0.31 26.74
N ILE E 36 5.09 -0.10 25.88
CA ILE E 36 5.08 0.33 24.49
C ILE E 36 4.07 1.46 24.37
N PRO E 37 4.40 2.56 23.69
CA PRO E 37 3.45 3.66 23.57
C PRO E 37 2.29 3.34 22.65
N GLY E 38 1.13 3.88 22.99
CA GLY E 38 -0.02 3.80 22.10
C GLY E 38 -0.88 2.58 22.30
N ARG E 39 -1.17 2.24 23.55
CA ARG E 39 -2.00 1.09 23.84
C ARG E 39 -3.47 1.41 23.61
N VAL E 40 -4.14 0.58 22.82
CA VAL E 40 -5.55 0.73 22.53
C VAL E 40 -6.33 -0.29 23.34
N ASN E 41 -7.37 0.18 24.04
CA ASN E 41 -8.19 -0.66 24.90
C ASN E 41 -9.58 -0.92 24.36
N ASN E 42 -10.02 -0.12 23.38
CA ASN E 42 -11.39 -0.14 22.89
C ASN E 42 -11.37 0.33 21.45
N LEU E 43 -12.19 -0.30 20.61
CA LEU E 43 -12.21 0.11 19.20
C LEU E 43 -12.93 1.43 18.98
N MET E 44 -13.65 1.94 19.96
CA MET E 44 -14.38 3.18 19.82
C MET E 44 -13.53 4.41 20.05
N GLU E 45 -12.23 4.23 20.31
CA GLU E 45 -11.29 5.33 20.33
C GLU E 45 -10.39 5.33 19.10
N ILE E 46 -10.51 4.33 18.24
CA ILE E 46 -9.98 4.41 16.88
C ILE E 46 -10.94 5.20 16.00
N ALA E 47 -12.23 5.01 16.20
CA ALA E 47 -13.27 5.66 15.39
C ALA E 47 -13.53 7.10 15.80
N GLU E 48 -12.89 7.59 16.86
CA GLU E 48 -13.05 8.97 17.30
C GLU E 48 -11.95 9.88 16.76
N VAL E 49 -11.10 9.38 15.88
CA VAL E 49 -10.05 10.16 15.26
C VAL E 49 -10.53 10.57 13.87
N ASP E 50 -10.21 11.81 13.47
CA ASP E 50 -10.61 12.33 12.17
C ASP E 50 -9.90 11.59 11.04
N SER E 51 -10.62 11.37 9.95
CA SER E 51 -10.05 10.84 8.72
C SER E 51 -10.73 11.53 7.56
N VAL E 52 -9.98 11.73 6.47
CA VAL E 52 -10.48 12.47 5.33
C VAL E 52 -11.47 11.62 4.56
N VAL E 53 -12.56 12.21 4.12
CA VAL E 53 -13.62 11.49 3.42
C VAL E 53 -13.52 11.80 1.93
N PRO E 54 -13.70 10.82 1.05
CA PRO E 54 -13.71 11.08 -0.38
C PRO E 54 -15.06 11.53 -0.91
N VAL E 55 -15.38 12.83 -0.81
CA VAL E 55 -16.66 13.32 -1.31
C VAL E 55 -16.70 13.31 -2.83
N ASN E 56 -15.56 13.48 -3.47
CA ASN E 56 -15.49 13.64 -4.92
C ASN E 56 -15.26 12.28 -5.59
N ASN E 57 -16.26 11.41 -5.49
CA ASN E 57 -16.27 10.12 -6.19
C ASN E 57 -16.87 10.36 -7.57
N THR E 58 -16.06 10.55 -8.58
CA THR E 58 -16.62 10.90 -9.88
C THR E 58 -16.00 10.08 -11.00
N GLU E 59 -15.83 8.78 -10.76
CA GLU E 59 -15.50 7.74 -11.75
C GLU E 59 -14.12 7.85 -12.39
N ASP E 60 -13.36 8.89 -12.08
CA ASP E 60 -11.94 8.88 -12.37
C ASP E 60 -11.13 9.57 -11.28
N ASN E 61 -11.76 10.00 -10.19
CA ASN E 61 -11.07 10.57 -9.07
C ASN E 61 -10.83 9.59 -7.94
N VAL E 62 -11.38 8.38 -8.03
CA VAL E 62 -11.24 7.45 -6.91
C VAL E 62 -9.84 6.84 -6.87
N SER E 63 -9.18 6.68 -8.00
CA SER E 63 -7.78 6.27 -8.02
C SER E 63 -6.89 7.49 -8.19
N SER E 64 -7.02 8.42 -7.25
CA SER E 64 -6.35 9.71 -7.29
C SER E 64 -6.49 10.35 -5.92
N LEU E 65 -5.74 11.43 -5.70
CA LEU E 65 -5.92 12.25 -4.52
C LEU E 65 -6.99 13.31 -4.72
N LYS E 66 -7.63 13.34 -5.89
CA LYS E 66 -8.71 14.27 -6.17
C LYS E 66 -10.04 13.83 -5.58
N ALA E 67 -10.12 12.65 -5.00
CA ALA E 67 -11.35 12.22 -4.35
C ALA E 67 -11.62 13.03 -3.09
N TYR E 68 -10.58 13.51 -2.43
CA TYR E 68 -10.73 14.22 -1.18
C TYR E 68 -10.90 15.71 -1.35
N GLN E 69 -10.68 16.25 -2.56
CA GLN E 69 -10.70 17.68 -2.79
C GLN E 69 -12.09 18.11 -3.26
N ILE E 70 -12.71 19.01 -2.51
CA ILE E 70 -14.04 19.52 -2.83
C ILE E 70 -13.86 20.85 -3.56
N PRO E 71 -14.24 20.95 -4.83
CA PRO E 71 -13.98 22.16 -5.60
C PRO E 71 -14.89 23.32 -5.21
N VAL E 72 -14.27 24.49 -5.06
CA VAL E 72 -14.96 25.71 -4.62
C VAL E 72 -14.42 26.86 -5.46
N GLN E 73 -15.31 27.68 -6.03
CA GLN E 73 -14.94 28.70 -6.99
C GLN E 73 -15.59 30.02 -6.64
N SER E 74 -15.13 31.08 -7.30
CA SER E 74 -15.73 32.40 -7.21
C SER E 74 -16.85 32.47 -8.23
N ASN E 75 -18.09 32.45 -7.74
CA ASN E 75 -19.26 32.24 -8.57
C ASN E 75 -19.85 33.54 -9.07
N SER E 76 -20.99 33.45 -9.74
CA SER E 76 -21.81 34.60 -10.08
C SER E 76 -23.29 34.33 -9.87
N ASP E 77 -23.67 33.19 -9.29
CA ASP E 77 -25.04 32.86 -8.97
C ASP E 77 -25.16 32.49 -7.50
N ASN E 78 -26.30 32.83 -6.90
CA ASN E 78 -26.47 32.83 -5.46
C ASN E 78 -27.08 31.52 -4.98
N GLY E 79 -26.56 31.00 -3.87
CA GLY E 79 -27.11 29.83 -3.24
C GLY E 79 -26.82 28.53 -3.92
N LYS E 80 -25.71 28.44 -4.66
CA LYS E 80 -25.36 27.23 -5.38
C LYS E 80 -24.93 26.14 -4.41
N GLN E 81 -25.17 24.89 -4.78
CA GLN E 81 -24.81 23.76 -3.94
C GLN E 81 -23.37 23.36 -4.16
N VAL E 82 -22.72 22.92 -3.08
CA VAL E 82 -21.34 22.48 -3.13
C VAL E 82 -21.30 20.95 -3.23
N PHE E 83 -21.83 20.25 -2.22
CA PHE E 83 -21.93 18.80 -2.28
C PHE E 83 -23.24 18.35 -1.64
N GLY E 84 -23.36 17.04 -1.46
CA GLY E 84 -24.51 16.45 -0.79
C GLY E 84 -24.45 14.94 -0.83
N PHE E 85 -24.72 14.28 0.30
CA PHE E 85 -24.70 12.83 0.38
C PHE E 85 -25.60 12.38 1.52
N PRO E 86 -26.16 11.18 1.46
CA PRO E 86 -26.95 10.69 2.59
C PRO E 86 -26.06 10.22 3.73
N LEU E 87 -26.58 10.36 4.94
CA LEU E 87 -25.84 10.00 6.15
C LEU E 87 -26.04 8.50 6.41
N GLN E 88 -25.37 7.69 5.61
CA GLN E 88 -25.24 6.26 5.88
C GLN E 88 -23.77 5.99 6.15
N PRO E 89 -23.35 5.93 7.41
CA PRO E 89 -21.92 5.89 7.71
C PRO E 89 -21.25 4.55 7.45
N GLY E 90 -22.01 3.51 7.08
CA GLY E 90 -21.41 2.23 6.78
C GLY E 90 -22.02 1.58 5.56
N ALA E 91 -22.84 2.32 4.83
CA ALA E 91 -23.49 1.76 3.65
C ALA E 91 -23.34 2.68 2.45
N ASN E 92 -23.14 3.97 2.69
CA ASN E 92 -22.92 4.90 1.60
C ASN E 92 -21.45 4.94 1.26
N ASN E 93 -21.14 4.88 -0.04
CA ASN E 93 -19.76 4.81 -0.51
C ASN E 93 -18.98 6.09 -0.33
N VAL E 94 -19.49 7.16 0.27
CA VAL E 94 -18.64 8.27 0.67
C VAL E 94 -17.98 7.97 2.01
N LEU E 95 -18.76 7.56 3.00
CA LEU E 95 -18.28 7.31 4.35
C LEU E 95 -17.99 5.84 4.60
N ASN E 96 -18.00 5.01 3.56
CA ASN E 96 -17.89 3.57 3.74
C ASN E 96 -16.49 3.15 4.17
N ARG E 97 -15.46 3.72 3.56
CA ARG E 97 -14.09 3.25 3.70
C ARG E 97 -13.26 4.13 4.62
N THR E 98 -13.87 5.02 5.38
CA THR E 98 -13.13 5.88 6.29
C THR E 98 -12.77 5.12 7.56
N LEU E 99 -12.11 5.79 8.49
CA LEU E 99 -11.66 5.16 9.71
C LEU E 99 -12.81 4.85 10.65
N LEU E 100 -13.93 5.57 10.53
CA LEU E 100 -15.15 5.28 11.27
C LEU E 100 -16.02 4.26 10.54
N GLY E 101 -16.12 4.37 9.22
CA GLY E 101 -16.94 3.45 8.46
C GLY E 101 -16.36 2.08 8.27
N GLU E 102 -15.07 1.91 8.49
CA GLU E 102 -14.44 0.59 8.46
C GLU E 102 -14.66 -0.18 9.75
N ILE E 103 -14.89 0.52 10.86
CA ILE E 103 -15.19 -0.13 12.12
C ILE E 103 -16.65 -0.53 12.19
N LEU E 104 -17.53 0.27 11.59
CA LEU E 104 -18.95 -0.03 11.55
C LEU E 104 -19.27 -1.26 10.73
N ASN E 105 -18.40 -1.64 9.79
CA ASN E 105 -18.65 -2.80 8.96
C ASN E 105 -18.28 -4.10 9.65
N TYR E 106 -17.72 -4.05 10.86
CA TYR E 106 -17.57 -5.23 11.69
C TYR E 106 -18.75 -5.43 12.63
N TYR E 107 -19.70 -4.51 12.65
CA TYR E 107 -20.82 -4.53 13.58
C TYR E 107 -22.12 -4.37 12.80
N THR E 108 -23.23 -4.57 13.49
CA THR E 108 -24.55 -4.52 12.88
C THR E 108 -25.34 -3.27 13.24
N HIS E 109 -25.30 -2.83 14.49
CA HIS E 109 -26.03 -1.67 14.95
C HIS E 109 -25.08 -0.54 15.30
N TRP E 110 -25.57 0.69 15.23
CA TRP E 110 -24.79 1.86 15.60
C TRP E 110 -25.71 2.92 16.16
N SER E 111 -25.15 3.80 16.99
CA SER E 111 -25.93 4.81 17.70
C SER E 111 -24.99 5.91 18.16
N GLY E 112 -25.35 7.16 17.90
CA GLY E 112 -24.59 8.27 18.42
C GLY E 112 -24.50 9.47 17.50
N SER E 113 -23.80 10.51 17.92
CA SER E 113 -23.62 11.70 17.10
C SER E 113 -22.34 11.61 16.29
N ILE E 114 -22.27 12.40 15.23
CA ILE E 114 -21.20 12.33 14.25
C ILE E 114 -20.69 13.74 13.98
N LYS E 115 -19.38 13.94 14.08
CA LYS E 115 -18.76 15.22 13.74
C LYS E 115 -18.37 15.25 12.28
N LEU E 116 -18.40 16.45 11.70
CA LEU E 116 -17.95 16.67 10.33
C LEU E 116 -17.18 17.99 10.31
N THR E 117 -15.86 17.91 10.14
CA THR E 117 -15.00 19.08 10.14
C THR E 117 -14.61 19.41 8.71
N PHE E 118 -14.59 20.70 8.38
CA PHE E 118 -14.29 21.18 7.05
C PHE E 118 -13.16 22.19 7.13
N MET E 119 -12.08 21.97 6.38
CA MET E 119 -10.92 22.84 6.38
C MET E 119 -10.80 23.52 5.03
N PHE E 120 -10.65 24.84 5.04
CA PHE E 120 -10.58 25.64 3.81
C PHE E 120 -9.11 25.77 3.40
N CYS E 121 -8.70 25.00 2.41
CA CYS E 121 -7.32 24.98 1.93
C CYS E 121 -7.12 25.89 0.73
N GLY E 122 -7.51 27.15 0.85
CA GLY E 122 -7.34 28.11 -0.20
C GLY E 122 -6.24 29.11 0.10
N SER E 123 -6.30 30.26 -0.58
CA SER E 123 -5.35 31.32 -0.35
C SER E 123 -5.70 32.09 0.91
N ALA E 124 -4.72 32.79 1.46
CA ALA E 124 -4.93 33.55 2.69
C ALA E 124 -5.64 34.87 2.45
N MET E 125 -5.80 35.29 1.20
CA MET E 125 -6.50 36.51 0.85
C MET E 125 -7.92 36.24 0.36
N ALA E 126 -8.41 35.01 0.51
CA ALA E 126 -9.73 34.63 0.07
C ALA E 126 -10.69 34.62 1.25
N THR E 127 -11.89 35.15 1.02
CA THR E 127 -12.98 35.13 2.00
C THR E 127 -14.08 34.21 1.50
N GLY E 128 -15.16 34.13 2.26
CA GLY E 128 -16.29 33.32 1.88
C GLY E 128 -17.14 32.94 3.06
N LYS E 129 -18.39 32.58 2.78
CA LYS E 129 -19.31 32.09 3.79
C LYS E 129 -20.12 30.95 3.22
N PHE E 130 -20.32 29.91 4.02
CA PHE E 130 -21.01 28.70 3.59
C PHE E 130 -22.12 28.35 4.58
N LEU E 131 -23.01 27.47 4.15
CA LEU E 131 -24.07 26.94 5.00
C LEU E 131 -23.96 25.42 4.99
N LEU E 132 -23.79 24.84 6.17
CA LEU E 132 -23.56 23.41 6.36
C LEU E 132 -24.80 22.83 7.02
N ALA E 133 -25.64 22.15 6.26
CA ALA E 133 -26.95 21.75 6.74
C ALA E 133 -27.06 20.24 6.94
N TYR E 134 -28.04 19.85 7.75
CA TYR E 134 -28.41 18.45 7.95
C TYR E 134 -29.92 18.36 8.03
N SER E 135 -30.51 17.53 7.17
CA SER E 135 -31.96 17.40 7.09
C SER E 135 -32.39 16.03 7.56
N PRO E 136 -33.22 15.91 8.59
CA PRO E 136 -33.77 14.61 8.98
C PRO E 136 -34.72 14.07 7.92
N PRO E 137 -34.93 12.75 7.87
CA PRO E 137 -35.73 12.20 6.77
C PRO E 137 -37.24 12.44 6.90
N GLY E 138 -37.98 12.01 5.89
CA GLY E 138 -39.41 12.22 5.87
C GLY E 138 -39.84 13.02 4.66
N ALA E 139 -39.08 14.05 4.35
CA ALA E 139 -39.16 14.73 3.07
C ALA E 139 -37.97 14.24 2.23
N GLY E 140 -37.80 14.82 1.05
CA GLY E 140 -36.69 14.43 0.21
C GLY E 140 -35.39 15.12 0.62
N VAL E 141 -34.41 15.01 -0.26
CA VAL E 141 -33.20 15.81 -0.11
C VAL E 141 -33.54 17.27 -0.42
N PRO E 142 -32.99 18.25 0.31
CA PRO E 142 -33.26 19.64 -0.04
C PRO E 142 -32.63 20.02 -1.37
N LYS E 143 -33.41 20.73 -2.17
CA LYS E 143 -32.98 21.14 -3.50
C LYS E 143 -32.66 22.61 -3.61
N ASN E 144 -32.91 23.40 -2.56
CA ASN E 144 -32.62 24.81 -2.52
C ASN E 144 -31.89 25.13 -1.23
N ARG E 145 -31.31 26.33 -1.16
CA ARG E 145 -30.83 26.82 0.11
C ARG E 145 -31.99 27.15 1.05
N LYS E 146 -33.13 27.53 0.49
CA LYS E 146 -34.31 27.82 1.30
C LYS E 146 -34.88 26.57 1.95
N ASP E 147 -34.81 25.43 1.26
CA ASP E 147 -35.25 24.18 1.88
C ASP E 147 -34.26 23.67 2.92
N ALA E 148 -32.98 23.94 2.74
CA ALA E 148 -31.95 23.40 3.60
C ALA E 148 -31.70 24.23 4.83
N MET E 149 -32.10 25.51 4.84
CA MET E 149 -32.00 26.33 6.03
C MET E 149 -33.04 25.97 7.09
N LEU E 150 -34.04 25.16 6.75
CA LEU E 150 -35.09 24.81 7.70
C LEU E 150 -34.69 23.67 8.61
N GLY E 151 -33.57 23.01 8.37
CA GLY E 151 -33.07 21.96 9.22
C GLY E 151 -31.94 22.44 10.10
N THR E 152 -31.19 21.49 10.65
CA THR E 152 -30.05 21.80 11.49
C THR E 152 -28.91 22.31 10.63
N HIS E 153 -28.49 23.55 10.85
CA HIS E 153 -27.42 24.11 10.04
C HIS E 153 -26.49 24.96 10.90
N VAL E 154 -25.33 25.24 10.33
CA VAL E 154 -24.36 26.18 10.89
C VAL E 154 -23.84 27.02 9.73
N ILE E 155 -23.48 28.26 10.01
CA ILE E 155 -22.97 29.18 9.01
C ILE E 155 -21.50 29.40 9.29
N TRP E 156 -20.66 29.07 8.32
CA TRP E 156 -19.21 29.07 8.47
C TRP E 156 -18.64 30.32 7.83
N ASP E 157 -17.94 31.12 8.62
CA ASP E 157 -17.21 32.28 8.14
C ASP E 157 -15.73 31.92 8.11
N VAL E 158 -15.13 31.94 6.92
CA VAL E 158 -13.72 31.58 6.82
C VAL E 158 -12.85 32.75 7.26
N GLY E 159 -11.68 32.45 7.78
CA GLY E 159 -10.82 33.47 8.34
C GLY E 159 -9.53 32.89 8.90
N LEU E 160 -9.14 33.32 10.09
CA LEU E 160 -7.93 32.79 10.72
C LEU E 160 -8.13 31.35 11.17
N GLN E 161 -9.22 31.07 11.88
CA GLN E 161 -9.60 29.70 12.17
C GLN E 161 -10.12 29.06 10.89
N SER E 162 -9.36 28.14 10.32
CA SER E 162 -9.63 27.60 9.00
C SER E 162 -10.64 26.45 9.01
N SER E 163 -11.09 26.03 10.19
CA SER E 163 -11.94 24.85 10.28
C SER E 163 -13.26 25.18 10.97
N CYS E 164 -14.29 24.41 10.63
CA CYS E 164 -15.61 24.53 11.23
C CYS E 164 -16.20 23.14 11.38
N VAL E 165 -16.87 22.90 12.50
CA VAL E 165 -17.44 21.60 12.83
C VAL E 165 -18.96 21.68 12.67
N LEU E 166 -19.51 20.84 11.81
CA LEU E 166 -20.93 20.56 11.80
C LEU E 166 -21.16 19.26 12.57
N CYS E 167 -21.87 19.33 13.67
CA CYS E 167 -22.14 18.18 14.50
C CYS E 167 -23.58 17.74 14.26
N VAL E 168 -23.75 16.61 13.59
CA VAL E 168 -25.11 16.12 13.37
C VAL E 168 -25.52 15.41 14.66
N PRO E 169 -26.74 15.61 15.14
CA PRO E 169 -27.16 14.99 16.39
C PRO E 169 -27.85 13.66 16.15
N TRP E 170 -28.10 12.95 17.24
CA TRP E 170 -28.82 11.68 17.18
C TRP E 170 -30.31 11.99 17.25
N ILE E 171 -30.94 12.08 16.09
CA ILE E 171 -32.39 12.20 16.00
C ILE E 171 -32.88 10.91 15.37
N SER E 172 -33.49 10.04 16.18
CA SER E 172 -33.96 8.76 15.69
C SER E 172 -35.14 8.31 16.53
N GLN E 173 -35.94 7.44 15.94
CA GLN E 173 -37.09 6.88 16.67
C GLN E 173 -36.66 5.73 17.56
N THR E 174 -35.69 4.94 17.12
CA THR E 174 -35.16 3.81 17.85
C THR E 174 -33.83 4.17 18.49
N HIS E 175 -33.39 3.32 19.42
CA HIS E 175 -32.12 3.59 20.09
C HIS E 175 -30.93 3.31 19.19
N TYR E 176 -31.09 2.40 18.23
CA TYR E 176 -30.02 2.01 17.33
C TYR E 176 -30.51 2.05 15.90
N ARG E 177 -29.57 2.08 14.96
CA ARG E 177 -29.85 2.03 13.54
C ARG E 177 -29.03 0.89 12.94
N TYR E 178 -29.46 0.41 11.78
CA TYR E 178 -28.73 -0.66 11.10
C TYR E 178 -27.56 -0.11 10.32
N VAL E 179 -26.44 -0.84 10.33
CA VAL E 179 -25.29 -0.43 9.54
C VAL E 179 -25.56 -0.61 8.06
N VAL E 180 -26.18 -1.74 7.70
CA VAL E 180 -26.59 -1.96 6.31
C VAL E 180 -27.70 -0.98 5.93
N GLU E 181 -27.87 -0.78 4.63
CA GLU E 181 -28.85 0.18 4.15
C GLU E 181 -30.26 -0.35 4.37
N ASP E 182 -30.96 0.28 5.32
CA ASP E 182 -32.34 -0.06 5.62
C ASP E 182 -33.17 1.21 5.46
N GLU E 183 -34.39 1.05 4.96
CA GLU E 183 -35.25 2.21 4.76
C GLU E 183 -35.99 2.59 6.04
N TYR E 184 -36.25 1.60 6.91
CA TYR E 184 -36.91 1.87 8.17
C TYR E 184 -36.03 2.67 9.12
N THR E 185 -34.71 2.57 8.98
CA THR E 185 -33.79 3.29 9.83
C THR E 185 -32.94 4.26 9.01
N ALA E 186 -33.56 5.02 8.13
CA ALA E 186 -32.86 6.03 7.37
C ALA E 186 -32.49 7.21 8.28
N ALA E 187 -31.42 7.92 7.92
CA ALA E 187 -30.84 8.90 8.81
C ALA E 187 -30.80 10.33 8.27
N GLY E 188 -30.99 10.55 6.98
CA GLY E 188 -31.07 11.89 6.46
C GLY E 188 -29.94 12.22 5.51
N TYR E 189 -29.75 13.53 5.31
CA TYR E 189 -28.89 14.05 4.25
C TYR E 189 -28.04 15.20 4.80
N VAL E 190 -26.85 15.35 4.25
CA VAL E 190 -25.90 16.40 4.63
C VAL E 190 -25.53 17.16 3.36
N THR E 191 -25.81 18.45 3.33
CA THR E 191 -25.61 19.28 2.14
C THR E 191 -24.81 20.54 2.49
N CYS E 192 -24.26 21.18 1.46
CA CYS E 192 -23.49 22.42 1.60
C CYS E 192 -23.84 23.38 0.48
N TRP E 193 -23.98 24.65 0.84
CA TRP E 193 -24.43 25.69 -0.08
C TRP E 193 -23.60 26.94 0.13
N TYR E 194 -23.54 27.78 -0.90
CA TYR E 194 -22.89 29.08 -0.78
C TYR E 194 -23.82 30.05 -0.04
N GLN E 195 -23.31 30.67 1.02
CA GLN E 195 -24.04 31.73 1.68
C GLN E 195 -23.76 33.07 0.99
N THR E 196 -22.49 33.48 0.97
CA THR E 196 -22.00 34.54 0.11
C THR E 196 -20.95 33.94 -0.83
N ASN E 197 -20.28 34.79 -1.58
CA ASN E 197 -19.33 34.33 -2.59
C ASN E 197 -17.94 34.17 -2.00
N ILE E 198 -17.07 33.51 -2.76
CA ILE E 198 -15.63 33.53 -2.51
C ILE E 198 -15.07 34.74 -3.25
N VAL E 199 -14.61 35.73 -2.51
CA VAL E 199 -14.10 36.98 -3.10
C VAL E 199 -12.59 36.99 -2.93
N VAL E 200 -11.88 37.12 -4.03
CA VAL E 200 -10.42 37.07 -4.04
C VAL E 200 -9.92 38.36 -4.66
N PRO E 201 -8.68 38.78 -4.33
CA PRO E 201 -8.10 39.93 -5.02
C PRO E 201 -7.58 39.60 -6.42
N ALA E 202 -6.94 40.58 -7.05
CA ALA E 202 -6.26 40.31 -8.30
C ALA E 202 -5.01 39.48 -8.03
N ASP E 203 -4.57 38.75 -9.07
CA ASP E 203 -3.42 37.84 -9.03
C ASP E 203 -3.58 36.73 -7.99
N VAL E 204 -4.81 36.32 -7.72
CA VAL E 204 -5.14 35.19 -6.86
C VAL E 204 -6.03 34.25 -7.67
N GLN E 205 -5.75 32.96 -7.61
CA GLN E 205 -6.57 31.98 -8.30
C GLN E 205 -7.95 31.87 -7.67
N SER E 206 -8.98 31.88 -8.51
CA SER E 206 -10.35 31.91 -8.01
C SER E 206 -10.88 30.54 -7.59
N SER E 207 -10.15 29.47 -7.86
CA SER E 207 -10.59 28.13 -7.54
C SER E 207 -9.81 27.62 -6.33
N CYS E 208 -10.52 27.20 -5.30
CA CYS E 208 -9.96 26.73 -4.04
C CYS E 208 -10.33 25.26 -3.83
N ASP E 209 -10.00 24.74 -2.66
CA ASP E 209 -10.36 23.39 -2.28
C ASP E 209 -10.72 23.35 -0.80
N ILE E 210 -11.56 22.39 -0.43
CA ILE E 210 -11.94 22.13 0.94
C ILE E 210 -11.69 20.65 1.23
N LEU E 211 -11.10 20.35 2.37
CA LEU E 211 -11.00 18.99 2.88
C LEU E 211 -12.04 18.76 3.96
N CYS E 212 -12.58 17.54 4.01
CA CYS E 212 -13.58 17.18 5.00
C CYS E 212 -13.10 15.99 5.83
N PHE E 213 -13.38 16.03 7.13
CA PHE E 213 -13.00 14.99 8.08
C PHE E 213 -14.24 14.48 8.80
N VAL E 214 -14.18 13.24 9.28
CA VAL E 214 -15.29 12.65 10.01
C VAL E 214 -14.75 11.92 11.23
N SER E 215 -15.51 11.94 12.32
CA SER E 215 -15.22 11.18 13.53
C SER E 215 -16.52 10.93 14.26
N ALA E 216 -16.41 10.40 15.47
CA ALA E 216 -17.55 10.06 16.29
C ALA E 216 -17.49 10.84 17.60
N CYS E 217 -18.66 11.11 18.18
CA CYS E 217 -18.73 11.87 19.41
C CYS E 217 -18.50 10.94 20.59
N ASN E 218 -18.68 11.45 21.82
CA ASN E 218 -18.39 10.66 23.00
C ASN E 218 -19.58 9.81 23.45
N ASP E 219 -20.67 9.81 22.69
CA ASP E 219 -21.82 8.95 22.96
C ASP E 219 -22.03 7.93 21.84
N PHE E 220 -21.03 7.72 21.00
CA PHE E 220 -21.13 6.73 19.94
C PHE E 220 -20.94 5.32 20.52
N SER E 221 -21.61 4.36 19.90
CA SER E 221 -21.62 2.99 20.39
C SER E 221 -22.00 2.06 19.24
N VAL E 222 -21.50 0.82 19.31
CA VAL E 222 -21.72 -0.20 18.30
C VAL E 222 -22.17 -1.49 18.98
N ARG E 223 -22.69 -2.42 18.18
CA ARG E 223 -23.33 -3.61 18.72
C ARG E 223 -23.38 -4.70 17.66
N MET E 224 -23.45 -5.96 18.14
CA MET E 224 -23.69 -7.17 17.33
C MET E 224 -22.61 -7.39 16.26
N LEU E 225 -21.44 -7.77 16.76
CA LEU E 225 -20.24 -7.99 15.95
C LEU E 225 -20.44 -9.06 14.88
N LYS E 226 -20.01 -8.75 13.65
CA LYS E 226 -20.13 -9.65 12.50
C LYS E 226 -18.85 -9.57 11.68
N ASP E 227 -18.87 -10.15 10.49
CA ASP E 227 -17.72 -10.18 9.59
C ASP E 227 -17.87 -9.14 8.48
N THR E 228 -16.76 -8.50 8.14
CA THR E 228 -16.78 -7.42 7.16
C THR E 228 -17.00 -7.96 5.74
N PRO E 229 -17.72 -7.24 4.90
CA PRO E 229 -17.90 -7.65 3.50
C PRO E 229 -16.81 -7.19 2.55
N PHE E 230 -15.70 -6.66 3.07
CA PHE E 230 -14.70 -6.01 2.24
C PHE E 230 -13.54 -6.91 1.87
N ILE E 231 -13.19 -7.88 2.69
CA ILE E 231 -12.08 -8.77 2.42
C ILE E 231 -12.64 -10.09 1.93
N ARG E 232 -11.87 -10.80 1.12
CA ARG E 232 -12.37 -11.95 0.36
C ARG E 232 -11.22 -12.85 -0.01
N GLN E 233 -11.53 -14.11 -0.36
CA GLN E 233 -10.53 -15.11 -0.65
C GLN E 233 -11.12 -16.18 -1.56
N ASP E 234 -10.25 -16.76 -2.40
CA ASP E 234 -10.63 -17.91 -3.22
C ASP E 234 -9.75 -19.12 -2.92
N THR E 235 -8.43 -18.95 -2.89
CA THR E 235 -7.47 -19.99 -2.54
C THR E 235 -6.62 -19.50 -1.38
N PHE E 236 -5.75 -20.38 -0.88
CA PHE E 236 -4.88 -20.02 0.23
C PHE E 236 -3.77 -19.07 -0.23
N TYR E 237 -3.46 -18.10 0.61
CA TYR E 237 -2.33 -17.19 0.35
C TYR E 237 -1.04 -17.94 0.66
N GLN E 238 -0.27 -18.24 -0.36
CA GLN E 238 1.00 -18.94 -0.19
C GLN E 238 1.92 -18.65 -1.35
N MET F 1 -12.10 -22.46 47.40
CA MET F 1 -11.63 -21.08 47.31
C MET F 1 -11.96 -20.46 45.96
N GLY F 2 -13.24 -20.44 45.64
CA GLY F 2 -13.73 -19.94 44.36
C GLY F 2 -14.09 -18.47 44.44
N ALA F 3 -13.82 -17.75 43.36
CA ALA F 3 -13.93 -16.30 43.38
C ALA F 3 -15.35 -15.84 43.06
N GLN F 4 -15.86 -14.93 43.89
CA GLN F 4 -17.10 -14.26 43.55
C GLN F 4 -16.86 -13.15 42.55
N VAL F 5 -16.89 -13.48 41.27
CA VAL F 5 -16.61 -12.63 40.11
C VAL F 5 -17.87 -11.89 39.70
N SER F 6 -18.76 -11.72 40.67
CA SER F 6 -20.22 -11.75 40.68
C SER F 6 -20.85 -11.11 39.45
N THR F 7 -20.62 -9.83 39.16
CA THR F 7 -21.57 -9.05 38.38
C THR F 7 -21.67 -9.52 36.93
N GLN F 8 -22.86 -10.01 36.58
CA GLN F 8 -23.18 -10.53 35.26
C GLN F 8 -23.58 -9.39 34.34
N LYS F 9 -23.58 -9.66 33.04
CA LYS F 9 -23.96 -8.65 32.06
C LYS F 9 -25.47 -8.56 31.97
N THR F 10 -26.03 -7.46 32.46
CA THR F 10 -27.47 -7.24 32.43
C THR F 10 -27.77 -5.90 31.79
N GLY F 11 -29.04 -5.65 31.53
CA GLY F 11 -29.44 -4.39 30.94
C GLY F 11 -29.71 -3.33 31.99
N ALA F 12 -30.17 -2.17 31.53
CA ALA F 12 -30.50 -1.07 32.41
C ALA F 12 -31.81 -0.41 32.02
N ILE F 25 -27.41 -9.93 39.31
CA ILE F 25 -27.30 -11.36 39.49
C ILE F 25 -25.81 -11.71 39.46
N HIS F 26 -25.42 -12.78 40.14
CA HIS F 26 -24.03 -13.13 40.31
C HIS F 26 -23.74 -14.47 39.64
N TYR F 27 -22.46 -14.72 39.39
CA TYR F 27 -21.99 -16.02 38.95
C TYR F 27 -20.67 -16.36 39.63
N THR F 28 -20.33 -17.64 39.61
CA THR F 28 -19.21 -18.17 40.38
C THR F 28 -18.16 -18.75 39.45
N ASN F 29 -16.88 -18.60 39.81
CA ASN F 29 -15.76 -19.09 39.03
C ASN F 29 -14.73 -19.73 39.94
N ILE F 30 -14.26 -20.93 39.55
CA ILE F 30 -13.12 -21.58 40.17
C ILE F 30 -12.12 -21.91 39.07
N ASN F 31 -10.83 -21.74 39.36
CA ASN F 31 -9.75 -22.08 38.44
C ASN F 31 -9.27 -23.49 38.76
N TYR F 32 -9.14 -24.32 37.72
CA TYR F 32 -8.82 -25.73 37.92
C TYR F 32 -7.39 -26.09 37.55
N TYR F 33 -6.69 -25.25 36.79
CA TYR F 33 -5.38 -25.58 36.27
C TYR F 33 -4.32 -24.68 36.87
N LYS F 34 -3.07 -25.14 36.82
CA LYS F 34 -1.97 -24.49 37.50
C LYS F 34 -1.32 -23.36 36.70
N ASP F 35 -1.73 -23.16 35.46
CA ASP F 35 -1.17 -22.13 34.61
C ASP F 35 -2.20 -21.04 34.36
N ALA F 36 -1.74 -19.79 34.32
CA ALA F 36 -2.64 -18.67 34.08
C ALA F 36 -3.01 -18.51 32.62
N ALA F 37 -2.40 -19.27 31.71
CA ALA F 37 -2.79 -19.33 30.32
C ALA F 37 -3.95 -20.28 30.08
N SER F 38 -4.48 -20.89 31.13
CA SER F 38 -5.56 -21.85 31.03
C SER F 38 -6.91 -21.25 31.35
N ASN F 39 -6.97 -20.04 31.90
CA ASN F 39 -8.20 -19.45 32.38
C ASN F 39 -9.08 -18.99 31.23
N SER F 40 -10.26 -18.49 31.57
CA SER F 40 -11.18 -17.97 30.58
C SER F 40 -10.69 -16.61 30.07
N ALA F 41 -11.40 -16.08 29.09
CA ALA F 41 -11.11 -14.74 28.62
C ALA F 41 -11.54 -13.71 29.65
N ASN F 42 -11.02 -12.49 29.51
CA ASN F 42 -11.30 -11.43 30.47
C ASN F 42 -12.73 -10.95 30.36
N ARG F 43 -13.09 -10.37 29.20
CA ARG F 43 -14.45 -10.08 28.75
C ARG F 43 -15.18 -9.00 29.56
N GLN F 44 -14.58 -8.52 30.64
CA GLN F 44 -15.23 -7.53 31.49
C GLN F 44 -14.24 -6.49 32.00
N ASP F 45 -13.21 -6.20 31.21
CA ASP F 45 -12.21 -5.19 31.53
C ASP F 45 -12.48 -4.01 30.61
N PHE F 46 -13.27 -3.06 31.11
CA PHE F 46 -13.72 -1.91 30.32
C PHE F 46 -12.93 -0.69 30.74
N THR F 47 -11.93 -0.33 29.95
CA THR F 47 -11.10 0.85 30.18
C THR F 47 -11.02 1.63 28.89
N GLN F 48 -10.91 2.95 29.01
CA GLN F 48 -10.85 3.83 27.85
C GLN F 48 -9.89 4.97 28.12
N ASP F 49 -8.99 5.23 27.18
CA ASP F 49 -8.08 6.38 27.23
C ASP F 49 -7.96 6.94 25.83
N PRO F 50 -9.00 7.62 25.33
CA PRO F 50 -9.00 8.05 23.93
C PRO F 50 -8.13 9.26 23.66
N GLY F 51 -7.66 9.96 24.69
CA GLY F 51 -6.97 11.22 24.53
C GLY F 51 -5.57 11.14 23.99
N LYS F 52 -4.99 9.96 23.91
CA LYS F 52 -3.66 9.81 23.34
C LYS F 52 -3.68 9.69 21.83
N PHE F 53 -4.85 9.52 21.23
CA PHE F 53 -5.01 9.53 19.78
C PHE F 53 -5.74 10.77 19.28
N THR F 54 -6.66 11.31 20.06
CA THR F 54 -7.46 12.45 19.64
C THR F 54 -6.88 13.78 20.10
N GLU F 55 -6.15 13.81 21.22
CA GLU F 55 -5.46 15.00 21.68
C GLU F 55 -4.00 14.71 21.99
N PRO F 56 -3.16 14.40 20.96
CA PRO F 56 -1.74 14.12 21.20
C PRO F 56 -0.87 15.37 21.16
N VAL F 57 -1.29 16.41 21.88
CA VAL F 57 -0.83 17.78 21.67
C VAL F 57 -0.25 18.30 22.99
N LYS F 58 0.91 18.97 22.90
CA LYS F 58 1.65 19.39 24.09
C LYS F 58 0.92 20.48 24.86
N ASP F 59 0.47 21.52 24.18
CA ASP F 59 -0.24 22.62 24.83
C ASP F 59 -1.74 22.32 24.83
N ILE F 60 -2.34 22.25 26.01
CA ILE F 60 -3.76 21.92 26.14
C ILE F 60 -4.60 23.06 25.61
N MET F 61 -5.49 22.74 24.66
CA MET F 61 -6.36 23.73 24.05
C MET F 61 -7.78 23.53 24.54
N VAL F 62 -8.34 24.57 25.13
CA VAL F 62 -9.71 24.59 25.63
C VAL F 62 -10.65 24.69 24.43
N LYS F 63 -11.83 24.06 24.55
CA LYS F 63 -12.74 23.94 23.42
C LYS F 63 -13.32 25.27 22.99
N THR F 64 -13.70 26.12 23.95
CA THR F 64 -14.33 27.39 23.62
C THR F 64 -13.34 28.46 23.15
N MET F 65 -12.07 28.33 23.49
CA MET F 65 -11.05 29.29 23.10
C MET F 65 -10.64 29.07 21.65
N PRO F 66 -10.10 30.09 20.98
CA PRO F 66 -9.56 29.88 19.63
C PRO F 66 -8.29 29.07 19.67
N ALA F 67 -8.13 28.19 18.67
CA ALA F 67 -6.98 27.29 18.65
C ALA F 67 -5.69 28.01 18.35
N LEU F 68 -5.75 29.08 17.55
CA LEU F 68 -4.58 29.86 17.17
C LEU F 68 -4.75 31.27 17.70
N ASN F 69 -3.90 31.67 18.63
CA ASN F 69 -4.00 32.97 19.26
C ASN F 69 -2.88 33.88 18.79
N GLN G 1 34.10 19.02 -8.27
CA GLN G 1 33.48 18.49 -9.48
C GLN G 1 33.45 16.96 -9.47
N ILE G 2 32.38 16.38 -10.02
CA ILE G 2 32.19 14.95 -10.09
C ILE G 2 32.25 14.54 -11.56
N VAL G 3 33.20 13.68 -11.91
CA VAL G 3 33.29 13.13 -13.25
C VAL G 3 32.62 11.76 -13.27
N LEU G 4 32.06 11.40 -14.42
CA LEU G 4 31.32 10.16 -14.59
C LEU G 4 32.03 9.32 -15.63
N SER G 5 32.55 8.17 -15.23
CA SER G 5 33.31 7.30 -16.11
C SER G 5 32.44 6.11 -16.49
N GLN G 6 32.07 6.04 -17.77
CA GLN G 6 31.28 4.94 -18.29
C GLN G 6 32.19 3.87 -18.88
N SER G 7 31.70 2.62 -18.87
CA SER G 7 32.44 1.51 -19.44
C SER G 7 31.45 0.42 -19.81
N PRO G 8 31.66 -0.27 -20.95
CA PRO G 8 32.72 -0.07 -21.94
C PRO G 8 32.38 1.02 -22.94
N ALA G 9 33.37 1.49 -23.70
CA ALA G 9 33.09 2.51 -24.71
C ALA G 9 32.34 1.93 -25.89
N ILE G 10 32.70 0.72 -26.31
CA ILE G 10 32.02 0.01 -27.38
C ILE G 10 31.53 -1.32 -26.82
N LEU G 11 30.24 -1.57 -26.92
CA LEU G 11 29.64 -2.82 -26.49
C LEU G 11 28.97 -3.49 -27.67
N SER G 12 29.46 -4.67 -28.04
CA SER G 12 28.92 -5.44 -29.15
C SER G 12 28.17 -6.63 -28.59
N ALA G 13 27.00 -6.90 -29.14
CA ALA G 13 26.13 -7.93 -28.58
C ALA G 13 25.28 -8.55 -29.67
N SER G 14 25.08 -9.86 -29.55
CA SER G 14 24.15 -10.55 -30.44
C SER G 14 22.72 -10.19 -30.07
N PRO G 15 21.80 -10.21 -31.03
CA PRO G 15 20.41 -9.88 -30.72
C PRO G 15 19.74 -11.03 -29.96
N GLY G 16 19.40 -10.75 -28.70
CA GLY G 16 18.67 -11.71 -27.89
C GLY G 16 19.40 -12.16 -26.65
N GLU G 17 20.34 -11.35 -26.17
CA GLU G 17 21.12 -11.67 -24.99
C GLU G 17 21.06 -10.51 -24.00
N LYS G 18 21.66 -10.74 -22.82
CA LYS G 18 21.60 -9.79 -21.71
C LYS G 18 22.91 -9.04 -21.60
N VAL G 19 22.83 -7.71 -21.63
CA VAL G 19 24.00 -6.85 -21.54
C VAL G 19 23.88 -5.98 -20.29
N THR G 20 25.01 -5.42 -19.88
CA THR G 20 25.08 -4.54 -18.73
C THR G 20 25.93 -3.35 -19.12
N MET G 21 25.59 -2.18 -18.57
CA MET G 21 26.18 -0.92 -18.99
C MET G 21 26.32 -0.05 -17.74
N THR G 22 27.52 0.00 -17.19
CA THR G 22 27.74 0.59 -15.88
C THR G 22 28.29 2.02 -16.00
N CYS G 23 28.23 2.74 -14.88
CA CYS G 23 28.79 4.07 -14.74
C CYS G 23 29.30 4.27 -13.31
N ARG G 24 30.42 4.96 -13.17
CA ARG G 24 31.03 5.21 -11.87
C ARG G 24 31.22 6.72 -11.69
N ALA G 25 31.09 7.18 -10.46
CA ALA G 25 31.20 8.58 -10.11
C ALA G 25 32.42 8.82 -9.22
N SER G 26 32.75 10.09 -9.02
CA SER G 26 33.82 10.45 -8.11
C SER G 26 33.35 10.46 -6.67
N SER G 27 32.11 10.84 -6.43
CA SER G 27 31.55 10.87 -5.08
C SER G 27 30.06 10.60 -5.18
N SER G 28 29.32 10.92 -4.13
CA SER G 28 27.89 10.68 -4.11
C SER G 28 27.15 11.69 -4.97
N VAL G 29 26.03 11.25 -5.52
CA VAL G 29 25.27 11.99 -6.53
C VAL G 29 23.79 11.91 -6.16
N SER G 30 23.11 13.06 -6.18
CA SER G 30 21.71 13.11 -5.78
C SER G 30 20.80 12.41 -6.78
N TYR G 31 20.84 12.81 -8.04
CA TYR G 31 20.02 12.20 -9.09
C TYR G 31 20.91 11.82 -10.27
N LEU G 32 20.62 10.66 -10.85
CA LEU G 32 21.36 10.20 -12.03
C LEU G 32 20.37 9.72 -13.08
N HIS G 33 20.57 10.17 -14.31
CA HIS G 33 19.66 9.90 -15.41
C HIS G 33 20.41 9.27 -16.59
N TRP G 34 19.65 8.71 -17.52
CA TRP G 34 20.18 8.10 -18.73
C TRP G 34 19.45 8.67 -19.94
N TYR G 35 20.18 8.83 -21.04
CA TYR G 35 19.64 9.36 -22.27
C TYR G 35 20.05 8.46 -23.42
N GLN G 36 19.29 8.51 -24.50
CA GLN G 36 19.61 7.76 -25.71
C GLN G 36 19.61 8.71 -26.89
N GLN G 37 20.70 8.71 -27.65
CA GLN G 37 20.83 9.56 -28.83
C GLN G 37 21.15 8.68 -30.03
N LYS G 38 20.18 8.50 -30.90
CA LYS G 38 20.47 7.89 -32.19
C LYS G 38 21.07 8.96 -33.11
N PRO G 39 22.02 8.59 -33.99
CA PRO G 39 22.72 9.59 -34.80
C PRO G 39 21.81 10.23 -35.82
N GLY G 40 21.64 11.55 -35.71
CA GLY G 40 20.81 12.30 -36.62
C GLY G 40 19.70 13.07 -35.96
N SER G 41 19.63 13.04 -34.63
CA SER G 41 18.55 13.69 -33.91
C SER G 41 19.02 14.00 -32.49
N SER G 42 18.15 14.68 -31.74
CA SER G 42 18.37 15.12 -30.38
C SER G 42 18.32 13.93 -29.41
N PRO G 43 19.03 14.03 -28.28
CA PRO G 43 18.93 12.96 -27.28
C PRO G 43 17.57 12.92 -26.63
N LYS G 44 17.09 11.71 -26.39
CA LYS G 44 15.76 11.50 -25.81
C LYS G 44 15.88 11.24 -24.32
N PRO G 45 14.99 11.83 -23.51
CA PRO G 45 15.03 11.53 -22.07
C PRO G 45 14.52 10.12 -21.78
N TRP G 46 15.46 9.23 -21.50
CA TRP G 46 15.21 7.87 -21.05
C TRP G 46 15.24 7.83 -19.53
N ILE G 47 15.53 6.66 -18.95
CA ILE G 47 15.50 6.32 -17.52
C ILE G 47 16.03 7.43 -16.62
N SER G 48 15.22 7.84 -15.65
CA SER G 48 15.48 9.02 -14.83
C SER G 48 15.33 8.67 -13.37
N ALA G 49 16.19 9.28 -12.54
CA ALA G 49 16.36 8.97 -11.12
C ALA G 49 16.56 7.47 -10.90
N THR G 50 17.41 6.90 -11.74
CA THR G 50 18.07 5.58 -11.75
C THR G 50 17.13 4.38 -11.87
N SER G 51 15.81 4.58 -11.83
CA SER G 51 14.91 3.45 -12.02
C SER G 51 13.76 3.73 -12.98
N ASN G 52 13.29 4.98 -13.02
CA ASN G 52 11.98 5.27 -13.60
C ASN G 52 12.10 5.35 -15.12
N LEU G 53 11.47 4.39 -15.80
CA LEU G 53 11.44 4.38 -17.25
C LEU G 53 10.51 5.47 -17.76
N ALA G 54 10.95 6.17 -18.81
CA ALA G 54 10.14 7.22 -19.39
C ALA G 54 8.99 6.63 -20.21
N SER G 55 8.07 7.48 -20.60
CA SER G 55 6.88 7.05 -21.32
C SER G 55 7.25 6.69 -22.76
N GLY G 56 7.10 5.41 -23.10
CA GLY G 56 7.48 4.91 -24.41
C GLY G 56 8.70 4.02 -24.41
N VAL G 57 9.39 3.88 -23.29
CA VAL G 57 10.56 3.03 -23.19
C VAL G 57 10.07 1.60 -22.99
N PRO G 58 10.60 0.62 -23.74
CA PRO G 58 10.16 -0.77 -23.56
C PRO G 58 10.59 -1.34 -22.23
N ALA G 59 9.94 -2.44 -21.86
CA ALA G 59 10.15 -3.07 -20.56
C ALA G 59 11.43 -3.88 -20.48
N ARG G 60 12.18 -4.02 -21.58
CA ARG G 60 13.46 -4.71 -21.56
C ARG G 60 14.53 -3.93 -20.82
N PHE G 61 14.37 -2.62 -20.70
CA PHE G 61 15.36 -1.75 -20.09
C PHE G 61 15.07 -1.59 -18.62
N SER G 62 16.11 -1.72 -17.80
CA SER G 62 16.01 -1.44 -16.38
C SER G 62 17.27 -0.72 -15.94
N GLY G 63 17.16 -0.02 -14.82
CA GLY G 63 18.30 0.66 -14.24
C GLY G 63 18.38 0.32 -12.76
N SER G 64 19.60 0.40 -12.24
CA SER G 64 19.83 0.13 -10.83
C SER G 64 21.03 0.95 -10.39
N GLY G 65 21.57 0.60 -9.23
CA GLY G 65 22.74 1.26 -8.71
C GLY G 65 22.42 2.20 -7.57
N SER G 66 23.39 2.36 -6.67
CA SER G 66 23.26 3.28 -5.55
C SER G 66 24.65 3.68 -5.11
N GLY G 67 24.73 4.80 -4.41
CA GLY G 67 26.01 5.29 -3.93
C GLY G 67 26.85 5.84 -5.06
N THR G 68 27.89 5.10 -5.44
CA THR G 68 28.81 5.48 -6.50
C THR G 68 28.56 4.75 -7.81
N SER G 69 28.35 3.45 -7.77
CA SER G 69 28.17 2.66 -8.98
C SER G 69 26.71 2.66 -9.41
N TYR G 70 26.48 2.85 -10.71
CA TYR G 70 25.16 2.82 -11.32
C TYR G 70 25.26 2.00 -12.60
N SER G 71 24.15 1.39 -13.02
CA SER G 71 24.19 0.49 -14.16
C SER G 71 22.86 0.53 -14.91
N LEU G 72 22.94 0.21 -16.21
CA LEU G 72 21.78 0.08 -17.08
C LEU G 72 21.82 -1.29 -17.73
N THR G 73 20.65 -1.92 -17.85
CA THR G 73 20.56 -3.32 -18.24
C THR G 73 19.50 -3.52 -19.30
N ILE G 74 19.81 -4.36 -20.29
CA ILE G 74 18.83 -4.84 -21.28
C ILE G 74 18.75 -6.35 -21.14
N SER G 75 17.53 -6.87 -21.02
CA SER G 75 17.36 -8.30 -20.80
C SER G 75 17.53 -9.07 -22.10
N ARG G 76 16.78 -8.69 -23.14
CA ARG G 76 16.93 -9.27 -24.47
C ARG G 76 17.17 -8.12 -25.44
N VAL G 77 18.38 -8.07 -26.01
CA VAL G 77 18.77 -6.97 -26.88
C VAL G 77 18.03 -7.09 -28.20
N GLU G 78 17.15 -6.14 -28.49
CA GLU G 78 16.47 -6.09 -29.77
C GLU G 78 17.39 -5.41 -30.79
N ALA G 79 16.96 -5.38 -32.05
CA ALA G 79 17.80 -4.85 -33.11
C ALA G 79 17.75 -3.34 -33.23
N GLU G 80 16.86 -2.67 -32.50
CA GLU G 80 16.60 -1.24 -32.69
C GLU G 80 17.10 -0.39 -31.54
N ASP G 81 17.77 -0.96 -30.55
CA ASP G 81 18.37 -0.18 -29.48
C ASP G 81 19.86 0.04 -29.72
N ALA G 82 20.27 0.05 -30.98
CA ALA G 82 21.66 0.36 -31.34
C ALA G 82 21.80 1.88 -31.38
N ALA G 83 22.29 2.43 -30.27
CA ALA G 83 22.56 3.85 -30.16
C ALA G 83 23.67 4.04 -29.14
N THR G 84 23.90 5.28 -28.75
CA THR G 84 24.81 5.59 -27.66
C THR G 84 24.02 6.11 -26.47
N TYR G 85 24.48 5.75 -25.28
CA TYR G 85 23.75 6.02 -24.04
C TYR G 85 24.61 6.88 -23.13
N TYR G 86 24.15 8.09 -22.87
CA TYR G 86 24.83 9.03 -22.00
C TYR G 86 24.25 8.96 -20.59
N CYS G 87 25.03 9.47 -19.64
CA CYS G 87 24.67 9.40 -18.23
C CYS G 87 24.98 10.73 -17.58
N GLN G 88 23.99 11.31 -16.90
CA GLN G 88 24.07 12.66 -16.37
C GLN G 88 23.78 12.65 -14.87
N GLN G 89 24.54 13.46 -14.13
CA GLN G 89 24.37 13.60 -12.68
C GLN G 89 23.83 14.97 -12.35
N TRP G 90 23.02 15.04 -11.28
CA TRP G 90 22.48 16.30 -10.77
C TRP G 90 22.78 16.35 -9.27
N SER G 91 23.96 16.84 -8.91
CA SER G 91 24.40 16.88 -7.52
C SER G 91 24.70 18.32 -7.10
N SER G 92 25.34 18.49 -5.94
CA SER G 92 25.72 19.83 -5.49
C SER G 92 26.87 20.40 -6.33
N ASN G 93 27.60 19.54 -7.02
CA ASN G 93 28.62 19.91 -8.00
C ASN G 93 27.91 20.35 -9.27
N PRO G 94 28.55 21.13 -10.20
CA PRO G 94 27.78 21.82 -11.25
C PRO G 94 26.92 20.98 -12.20
N LEU G 95 27.50 20.18 -13.10
CA LEU G 95 26.79 19.23 -13.95
C LEU G 95 27.80 18.42 -14.74
N SER G 96 27.49 17.16 -15.04
CA SER G 96 28.42 16.33 -15.80
C SER G 96 27.64 15.39 -16.70
N PHE G 97 28.28 15.00 -17.79
CA PHE G 97 27.81 13.93 -18.65
C PHE G 97 28.83 12.79 -18.62
N GLY G 98 28.41 11.63 -19.09
CA GLY G 98 29.22 10.43 -18.95
C GLY G 98 30.33 10.27 -19.97
N GLY G 99 29.99 10.13 -21.24
CA GLY G 99 30.98 9.77 -22.23
C GLY G 99 30.45 8.89 -23.35
N GLY G 100 29.22 8.41 -23.21
CA GLY G 100 28.57 7.72 -24.31
C GLY G 100 29.01 6.31 -24.66
N THR G 101 28.65 5.34 -23.83
CA THR G 101 28.74 3.92 -24.21
C THR G 101 27.92 3.66 -25.48
N LYS G 102 28.58 3.19 -26.52
CA LYS G 102 27.96 2.93 -27.80
C LYS G 102 27.63 1.45 -27.94
N LEU G 103 26.49 1.16 -28.57
CA LEU G 103 26.02 -0.21 -28.76
C LEU G 103 25.81 -0.45 -30.25
N GLU G 104 26.52 -1.45 -30.79
CA GLU G 104 26.32 -1.91 -32.15
C GLU G 104 26.08 -3.41 -32.12
N LEU G 105 25.16 -3.89 -32.96
CA LEU G 105 24.80 -5.29 -33.00
C LEU G 105 25.93 -6.13 -33.57
N LYS G 106 25.94 -7.40 -33.20
CA LYS G 106 26.98 -8.33 -33.63
C LYS G 106 26.43 -9.31 -34.66
N GLU H 1 0.58 20.47 -26.36
CA GLU H 1 1.67 19.65 -25.84
C GLU H 1 2.87 20.51 -25.48
N ILE H 2 3.80 19.94 -24.71
CA ILE H 2 5.02 20.63 -24.34
C ILE H 2 6.03 20.44 -25.47
N GLN H 3 6.49 21.56 -26.02
CA GLN H 3 7.36 21.55 -27.19
C GLN H 3 8.31 22.74 -27.11
N LEU H 4 9.60 22.47 -27.29
CA LEU H 4 10.63 23.50 -27.31
C LEU H 4 11.12 23.64 -28.74
N GLN H 5 10.68 24.69 -29.42
CA GLN H 5 10.98 24.90 -30.83
C GLN H 5 12.20 25.79 -30.96
N GLN H 6 13.25 25.28 -31.61
CA GLN H 6 14.52 25.97 -31.69
C GLN H 6 14.64 26.70 -33.03
N SER H 7 15.72 27.43 -33.21
CA SER H 7 15.95 28.22 -34.40
C SER H 7 16.51 27.34 -35.52
N GLY H 8 16.89 27.95 -36.63
CA GLY H 8 17.36 27.21 -37.78
C GLY H 8 18.88 27.26 -37.91
N PRO H 9 19.42 26.47 -38.82
CA PRO H 9 20.89 26.45 -39.01
C PRO H 9 21.37 27.69 -39.73
N GLU H 10 22.59 28.08 -39.44
CA GLU H 10 23.15 29.33 -39.93
C GLU H 10 24.68 29.30 -39.84
N LEU H 11 25.32 29.92 -40.82
CA LEU H 11 26.76 29.90 -40.99
C LEU H 11 27.34 31.24 -40.58
N VAL H 12 28.45 31.20 -39.83
CA VAL H 12 29.14 32.40 -39.39
C VAL H 12 30.60 32.31 -39.81
N LYS H 13 31.29 33.42 -39.68
CA LYS H 13 32.71 33.57 -40.00
C LYS H 13 33.55 33.40 -38.74
N PRO H 14 34.84 33.05 -38.89
CA PRO H 14 35.70 32.96 -37.70
C PRO H 14 35.91 34.33 -37.05
N GLY H 15 35.67 34.37 -35.74
CA GLY H 15 35.71 35.61 -34.99
C GLY H 15 34.39 36.32 -34.86
N ALA H 16 33.37 35.90 -35.62
CA ALA H 16 32.06 36.54 -35.59
C ALA H 16 31.20 35.95 -34.47
N SER H 17 29.98 36.45 -34.37
CA SER H 17 29.07 36.08 -33.30
C SER H 17 27.79 35.49 -33.89
N VAL H 18 27.02 34.82 -33.04
CA VAL H 18 25.78 34.19 -33.48
C VAL H 18 24.81 34.21 -32.29
N LYS H 19 23.52 34.22 -32.59
CA LYS H 19 22.46 34.30 -31.59
C LYS H 19 21.41 33.25 -31.90
N VAL H 20 21.34 32.21 -31.06
CA VAL H 20 20.38 31.12 -31.23
C VAL H 20 19.26 31.28 -30.22
N SER H 21 18.06 30.86 -30.61
CA SER H 21 16.87 31.04 -29.80
C SER H 21 16.14 29.72 -29.63
N CYS H 22 15.36 29.62 -28.55
CA CYS H 22 14.65 28.40 -28.19
C CYS H 22 13.28 28.78 -27.64
N LYS H 23 12.27 28.79 -28.51
CA LYS H 23 10.92 29.15 -28.13
C LYS H 23 10.20 27.94 -27.57
N ALA H 24 9.59 28.10 -26.39
CA ALA H 24 8.90 27.03 -25.70
C ALA H 24 7.43 27.38 -25.55
N SER H 25 6.57 26.36 -25.68
CA SER H 25 5.13 26.57 -25.62
C SER H 25 4.48 25.35 -24.98
N GLY H 26 3.21 25.51 -24.62
CA GLY H 26 2.43 24.43 -24.05
C GLY H 26 2.46 24.34 -22.54
N TYR H 27 3.17 25.24 -21.87
CA TYR H 27 3.30 25.19 -20.41
C TYR H 27 3.60 26.60 -19.92
N SER H 28 3.54 26.77 -18.59
CA SER H 28 3.82 28.05 -17.98
C SER H 28 5.33 28.30 -17.99
N PHE H 29 5.74 29.38 -18.66
CA PHE H 29 7.13 29.52 -19.10
C PHE H 29 8.09 29.77 -17.93
N THR H 30 7.67 30.55 -16.94
CA THR H 30 8.57 30.97 -15.87
C THR H 30 8.66 29.98 -14.72
N ASP H 31 8.09 28.79 -14.86
CA ASP H 31 8.11 27.80 -13.79
C ASP H 31 9.31 26.85 -13.87
N TYR H 32 10.05 26.86 -14.97
CA TYR H 32 11.13 25.91 -15.19
C TYR H 32 12.32 26.63 -15.79
N ASN H 33 13.52 26.21 -15.42
CA ASN H 33 14.72 26.75 -16.03
C ASN H 33 14.91 26.18 -17.43
N ILE H 34 15.81 26.79 -18.19
CA ILE H 34 16.12 26.36 -19.55
C ILE H 34 17.62 26.12 -19.63
N TYR H 35 18.00 24.87 -19.92
CA TYR H 35 19.38 24.44 -19.90
C TYR H 35 19.94 24.40 -21.31
N TRP H 36 21.19 24.81 -21.46
CA TRP H 36 21.85 24.86 -22.76
C TRP H 36 23.03 23.90 -22.74
N VAL H 37 23.03 22.94 -23.67
CA VAL H 37 24.14 22.01 -23.81
C VAL H 37 24.67 22.12 -25.24
N LYS H 38 25.83 21.52 -25.48
CA LYS H 38 26.43 21.47 -26.80
C LYS H 38 26.88 20.06 -27.11
N GLN H 39 27.07 19.79 -28.40
CA GLN H 39 27.45 18.46 -28.86
C GLN H 39 28.28 18.62 -30.13
N SER H 40 29.51 18.12 -30.10
CA SER H 40 30.36 18.21 -31.27
C SER H 40 29.98 17.14 -32.30
N HIS H 41 30.71 17.13 -33.42
CA HIS H 41 30.33 16.24 -34.52
C HIS H 41 30.68 14.80 -34.23
N GLY H 42 31.64 14.55 -33.34
CA GLY H 42 32.01 13.19 -33.02
C GLY H 42 32.24 12.96 -31.54
N LYS H 43 32.05 14.02 -30.75
CA LYS H 43 32.35 13.98 -29.33
C LYS H 43 31.06 13.82 -28.53
N SER H 44 31.18 13.93 -27.21
CA SER H 44 30.07 13.71 -26.30
C SER H 44 29.39 15.04 -25.97
N LEU H 45 28.41 14.99 -25.07
CA LEU H 45 27.64 16.17 -24.70
C LEU H 45 28.36 16.95 -23.61
N GLU H 46 28.19 18.27 -23.64
CA GLU H 46 28.84 19.16 -22.68
C GLU H 46 27.87 20.25 -22.27
N TRP H 47 27.91 20.63 -21.01
CA TRP H 47 26.98 21.60 -20.45
C TRP H 47 27.54 23.02 -20.54
N ILE H 48 26.69 23.96 -20.90
CA ILE H 48 27.07 25.36 -21.04
C ILE H 48 26.54 26.20 -19.89
N GLY H 49 25.24 26.16 -19.65
CA GLY H 49 24.66 26.92 -18.56
C GLY H 49 23.15 26.89 -18.63
N TYR H 50 22.53 27.58 -17.68
CA TYR H 50 21.08 27.72 -17.66
C TYR H 50 20.69 29.14 -17.27
N VAL H 51 19.39 29.41 -17.38
CA VAL H 51 18.81 30.70 -17.03
C VAL H 51 17.45 30.45 -16.39
N ASP H 52 17.19 31.17 -15.29
CA ASP H 52 15.89 31.11 -14.63
C ASP H 52 15.03 32.23 -15.18
N PRO H 53 13.92 31.94 -15.88
CA PRO H 53 13.15 33.01 -16.53
C PRO H 53 12.35 33.89 -15.58
N TYR H 54 12.23 33.51 -14.30
CA TYR H 54 11.45 34.32 -13.37
C TYR H 54 12.17 35.59 -12.98
N ASN H 55 13.49 35.53 -12.86
CA ASN H 55 14.28 36.69 -12.47
C ASN H 55 15.52 36.92 -13.33
N GLY H 56 15.72 36.13 -14.38
CA GLY H 56 16.85 36.35 -15.27
C GLY H 56 18.18 35.92 -14.73
N ASN H 57 18.20 35.08 -13.70
CA ASN H 57 19.45 34.64 -13.09
C ASN H 57 20.07 33.54 -13.93
N THR H 58 21.35 33.69 -14.27
CA THR H 58 22.07 32.74 -15.09
C THR H 58 23.22 32.13 -14.30
N ASN H 59 23.59 30.91 -14.67
CA ASN H 59 24.69 30.19 -14.04
C ASN H 59 25.43 29.43 -15.14
N TYR H 60 26.73 29.68 -15.28
CA TYR H 60 27.50 29.21 -16.42
C TYR H 60 28.48 28.12 -16.03
N ASN H 61 28.82 27.30 -17.02
CA ASN H 61 29.98 26.43 -16.90
C ASN H 61 31.24 27.28 -16.97
N GLN H 62 32.31 26.79 -16.34
CA GLN H 62 33.54 27.57 -16.27
C GLN H 62 34.22 27.68 -17.62
N LYS H 63 34.01 26.71 -18.51
CA LYS H 63 34.65 26.74 -19.81
C LYS H 63 34.01 27.75 -20.74
N PHE H 64 32.76 28.12 -20.47
CA PHE H 64 32.00 29.03 -21.33
C PHE H 64 31.66 30.34 -20.62
N LYS H 65 32.50 30.75 -19.66
CA LYS H 65 32.16 31.88 -18.82
C LYS H 65 32.27 33.22 -19.54
N GLY H 66 33.04 33.30 -20.61
CA GLY H 66 33.19 34.56 -21.32
C GLY H 66 32.66 34.57 -22.74
N LYS H 67 32.29 33.39 -23.25
CA LYS H 67 31.88 33.27 -24.64
C LYS H 67 30.41 32.94 -24.82
N ALA H 68 29.64 32.86 -23.74
CA ALA H 68 28.20 32.64 -23.84
C ALA H 68 27.47 33.64 -22.95
N THR H 69 26.32 34.10 -23.42
CA THR H 69 25.50 35.05 -22.68
C THR H 69 24.04 34.66 -22.89
N LEU H 70 23.37 34.26 -21.81
CA LEU H 70 22.01 33.77 -21.88
C LEU H 70 21.05 34.85 -21.41
N THR H 71 20.03 35.13 -22.22
CA THR H 71 18.97 36.08 -21.89
C THR H 71 17.64 35.38 -22.05
N VAL H 72 16.56 36.09 -21.72
CA VAL H 72 15.22 35.51 -21.73
C VAL H 72 14.23 36.62 -22.08
N ASP H 73 13.06 36.22 -22.56
CA ASP H 73 12.01 37.16 -22.94
C ASP H 73 10.66 36.57 -22.55
N LYS H 74 10.09 37.06 -21.45
CA LYS H 74 8.85 36.50 -20.91
C LYS H 74 7.64 36.85 -21.75
N SER H 75 7.70 37.90 -22.57
CA SER H 75 6.53 38.33 -23.31
C SER H 75 6.20 37.39 -24.46
N SER H 76 7.20 36.73 -25.02
CA SER H 76 6.99 35.81 -26.14
C SER H 76 7.49 34.40 -25.86
N SER H 77 7.87 34.11 -24.60
CA SER H 77 8.31 32.79 -24.16
C SER H 77 9.52 32.28 -24.94
N THR H 78 10.52 33.14 -25.10
CA THR H 78 11.71 32.81 -25.87
C THR H 78 12.94 32.98 -25.00
N ALA H 79 13.87 32.04 -25.11
CA ALA H 79 15.15 32.12 -24.43
C ALA H 79 16.25 32.15 -25.48
N PHE H 80 17.10 33.16 -25.42
CA PHE H 80 18.15 33.36 -26.40
C PHE H 80 19.49 32.91 -25.84
N MET H 81 20.47 32.84 -26.73
CA MET H 81 21.84 32.52 -26.34
C MET H 81 22.78 33.16 -27.34
N HIS H 82 23.63 34.07 -26.86
CA HIS H 82 24.58 34.78 -27.70
C HIS H 82 25.96 34.17 -27.53
N LEU H 83 26.58 33.80 -28.65
CA LEU H 83 27.91 33.19 -28.64
C LEU H 83 28.93 34.19 -29.17
N ASN H 84 30.13 34.15 -28.61
CA ASN H 84 31.14 35.18 -28.84
C ASN H 84 32.48 34.54 -29.16
N SER H 85 33.17 35.11 -30.16
CA SER H 85 34.54 34.76 -30.55
C SER H 85 34.64 33.28 -30.97
N LEU H 86 33.95 32.95 -32.05
CA LEU H 86 33.82 31.56 -32.47
C LEU H 86 35.06 31.13 -33.25
N THR H 87 35.54 29.94 -32.94
CA THR H 87 36.73 29.34 -33.53
C THR H 87 36.32 28.10 -34.32
N SER H 88 37.31 27.31 -34.73
CA SER H 88 37.05 26.11 -35.52
C SER H 88 36.43 24.98 -34.70
N GLU H 89 36.38 25.11 -33.38
CA GLU H 89 35.76 24.13 -32.50
C GLU H 89 34.26 24.38 -32.32
N VAL H 90 33.67 25.25 -33.14
CA VAL H 90 32.26 25.61 -33.03
C VAL H 90 31.58 25.06 -34.28
N SER H 91 32.08 23.94 -34.79
CA SER H 91 31.39 23.18 -35.83
C SER H 91 30.46 22.13 -35.22
N THR H 92 29.62 22.57 -34.29
CA THR H 92 28.90 21.74 -33.36
C THR H 92 27.39 21.94 -33.54
N VAL H 93 26.61 21.34 -32.64
CA VAL H 93 25.16 21.52 -32.60
C VAL H 93 24.76 21.81 -31.16
N TYR H 94 23.84 22.76 -30.98
CA TYR H 94 23.46 23.29 -29.68
C TYR H 94 22.01 22.92 -29.38
N TYR H 95 21.76 22.38 -28.19
CA TYR H 95 20.43 21.98 -27.77
C TYR H 95 19.96 22.84 -26.60
N CYS H 96 18.65 22.97 -26.47
CA CYS H 96 18.02 23.57 -25.31
C CYS H 96 17.09 22.55 -24.66
N ALA H 97 17.06 22.54 -23.34
CA ALA H 97 16.27 21.58 -22.58
C ALA H 97 15.51 22.32 -21.48
N ARG H 98 14.69 21.57 -20.75
CA ARG H 98 13.80 22.15 -19.74
C ARG H 98 13.86 21.33 -18.47
N GLY H 99 14.24 21.95 -17.38
CA GLY H 99 14.20 21.33 -16.07
C GLY H 99 13.94 22.38 -15.02
N GLY H 100 13.31 21.97 -13.92
CA GLY H 100 12.85 22.94 -12.95
C GLY H 100 13.59 22.91 -11.65
N GLY H 101 14.23 24.02 -11.28
CA GLY H 101 15.10 24.05 -10.11
C GLY H 101 16.45 23.46 -10.45
N TYR H 102 17.53 23.83 -9.75
CA TYR H 102 18.78 23.20 -10.12
C TYR H 102 18.83 21.77 -9.60
N TYR H 103 18.90 21.55 -8.30
CA TYR H 103 18.83 20.15 -7.91
C TYR H 103 17.81 19.88 -6.82
N GLY H 104 16.98 20.87 -6.50
CA GLY H 104 15.81 20.59 -5.70
C GLY H 104 14.79 19.84 -6.51
N GLY H 105 14.67 20.18 -7.80
CA GLY H 105 13.73 19.53 -8.67
C GLY H 105 14.38 18.71 -9.76
N GLY H 106 15.44 17.98 -9.40
CA GLY H 106 16.19 17.23 -10.39
C GLY H 106 15.69 15.81 -10.56
N TYR H 107 14.54 15.50 -9.97
CA TYR H 107 13.94 14.17 -10.02
C TYR H 107 13.53 13.78 -11.43
N TYR H 108 13.13 14.77 -12.22
CA TYR H 108 12.68 14.52 -13.58
C TYR H 108 13.80 14.67 -14.60
N GLY H 109 14.91 15.28 -14.20
CA GLY H 109 15.98 15.57 -15.13
C GLY H 109 15.60 16.73 -16.02
N MET H 110 16.18 16.74 -17.21
CA MET H 110 15.73 17.61 -18.29
C MET H 110 14.92 16.76 -19.25
N ASP H 111 13.60 16.91 -19.21
CA ASP H 111 12.68 15.95 -19.78
C ASP H 111 12.05 16.39 -21.09
N TYR H 112 12.36 17.59 -21.56
CA TYR H 112 11.90 18.04 -22.88
C TYR H 112 13.03 18.78 -23.56
N TRP H 113 13.48 18.27 -24.69
CA TRP H 113 14.62 18.83 -25.40
C TRP H 113 14.16 19.58 -26.64
N GLY H 114 15.11 20.28 -27.25
CA GLY H 114 14.88 20.97 -28.49
C GLY H 114 15.22 20.12 -29.69
N GLN H 115 15.39 20.79 -30.83
CA GLN H 115 15.70 20.13 -32.09
C GLN H 115 17.20 20.03 -32.31
N GLY H 116 17.92 21.13 -32.07
CA GLY H 116 19.34 21.23 -32.32
C GLY H 116 19.57 22.28 -33.40
N THR H 117 20.55 23.13 -33.17
CA THR H 117 20.96 24.14 -34.13
C THR H 117 22.43 23.96 -34.45
N SER H 118 22.72 23.69 -35.71
CA SER H 118 24.09 23.44 -36.17
C SER H 118 24.70 24.75 -36.66
N VAL H 119 25.83 25.12 -36.07
CA VAL H 119 26.60 26.28 -36.52
C VAL H 119 28.00 25.79 -36.88
N THR H 120 28.68 26.60 -37.70
CA THR H 120 30.02 26.28 -38.16
C THR H 120 30.71 27.55 -38.63
N VAL H 121 32.04 27.51 -38.66
CA VAL H 121 32.85 28.56 -39.27
C VAL H 121 33.48 28.00 -40.53
N SER H 122 33.49 28.80 -41.60
CA SER H 122 33.88 28.34 -42.93
C SER H 122 34.11 29.56 -43.81
N SER H 123 34.29 29.32 -45.10
CA SER H 123 34.41 30.37 -46.09
C SER H 123 33.74 29.98 -47.40
#